data_5MHK
#
_entry.id   5MHK
#
_cell.length_a   61.510
_cell.length_b   100.730
_cell.length_c   201.890
_cell.angle_alpha   90.00
_cell.angle_beta   90.00
_cell.angle_gamma   90.00
#
_symmetry.space_group_name_H-M   'P 21 21 21'
#
loop_
_entity.id
_entity.type
_entity.pdbx_description
1 polymer "DNA (5'-D(*GP*CP*TP*CP*CP*GP*TP*GP*TP*GP*GP*AP*CP*GP*AP*TP*CP*GP*G)-3')"
2 polymer "DNA (5'-D(*GP*CP*TP*CP*CP*GP*TP*GP*TP*GP*GP*AP*CP*GP*AP*TP*CP*GP*G)-3')"
3 polymer RS1
4 polymer 'ICP4 DNA BINDING DOMAIN'
5 non-polymer 'MAGNESIUM ION'
6 non-polymer 'SULFATE ION'
7 non-polymer 'CHLORIDE ION'
8 water water
#
loop_
_entity_poly.entity_id
_entity_poly.type
_entity_poly.pdbx_seq_one_letter_code
_entity_poly.pdbx_strand_id
1 'polydeoxyribonucleotide' (DG)(DC)(DT)(DC)(DC)(DG)(DT)(DG)(DT)(DG)(DG)(DA)(DC)(DG)(DA)(DT)(DC)(DG)(DG) G,E
2 'polydeoxyribonucleotide' (DC)(DC)(DG)(DA)(DT)(DC)(DG)(DT)(DC)(DC)(DA)(DC)(DA)(DC)(DG)(DG)(DA)(DG)(DC) H,F
3 'polypeptide(L)'
;GPAASAGRIERRRARAAVAGRDATGRFTAGQPRRVELDADATSGAFYARYRDGYVSGEPWPGAGPPPPGRVLYGGLGDSR
PGLWGAPEAEEARRRFEASGAPAAVWAPELGDAAQQYALITRLLYTPDAEAMGWLQNPRVVPGDVALDQACFRISGAARN
SSSFITGSVARAVPHLGYAMAAGRFGWGLAHAAAAVAMSRRYDRAQKGFLLTSLRRAYAPLLARENAALTG
;
A,C,D,B
4 'polypeptide(L)' FTAG J
#
# COMPACT_ATOMS: atom_id res chain seq x y z
N GLY E 44 20.50 0.58 -5.21
CA GLY E 44 20.16 -0.37 -4.18
C GLY E 44 19.35 0.24 -3.05
N ALA E 45 19.15 1.56 -3.12
CA ALA E 45 18.44 2.32 -2.09
C ALA E 45 16.94 2.10 -2.13
N PHE E 46 16.43 1.43 -3.17
CA PHE E 46 15.00 1.26 -3.43
C PHE E 46 14.24 0.48 -2.36
N TYR E 47 14.92 -0.24 -1.44
CA TYR E 47 14.16 -1.11 -0.54
C TYR E 47 13.25 -0.32 0.37
N ALA E 48 13.70 0.84 0.84
CA ALA E 48 12.88 1.68 1.71
C ALA E 48 11.75 2.38 0.97
N ARG E 49 11.86 2.58 -0.35
CA ARG E 49 10.85 3.28 -1.11
C ARG E 49 9.90 2.35 -1.86
N TYR E 50 10.00 1.05 -1.63
CA TYR E 50 9.12 0.10 -2.29
C TYR E 50 7.71 0.23 -1.73
N ARG E 51 6.71 0.15 -2.61
CA ARG E 51 5.32 0.20 -2.22
C ARG E 51 4.61 -0.92 -2.97
N ASP E 52 3.64 -1.57 -2.33
CA ASP E 52 2.97 -2.71 -2.94
C ASP E 52 1.50 -2.49 -3.27
N GLY E 53 0.97 -1.30 -3.03
CA GLY E 53 -0.42 -1.02 -3.33
C GLY E 53 -1.44 -1.79 -2.53
N TYR E 54 -1.02 -2.54 -1.51
CA TYR E 54 -1.93 -3.23 -0.60
C TYR E 54 -2.04 -2.45 0.70
N VAL E 55 -3.13 -2.70 1.42
CA VAL E 55 -3.41 -2.01 2.68
C VAL E 55 -3.50 -3.07 3.77
N SER E 56 -2.73 -2.89 4.84
CA SER E 56 -2.79 -3.80 5.98
C SER E 56 -4.18 -3.75 6.61
N GLY E 57 -4.70 -4.92 6.95
CA GLY E 57 -6.02 -5.02 7.54
C GLY E 57 -7.16 -5.17 6.55
N GLU E 58 -6.89 -5.18 5.24
CA GLU E 58 -7.95 -5.33 4.26
C GLU E 58 -7.91 -6.72 3.64
N PRO E 59 -9.06 -7.27 3.27
CA PRO E 59 -9.08 -8.66 2.78
C PRO E 59 -8.25 -8.82 1.52
N TRP E 60 -7.49 -9.90 1.47
CA TRP E 60 -6.71 -10.22 0.28
C TRP E 60 -7.64 -10.66 -0.84
N PRO E 61 -7.33 -10.30 -2.10
CA PRO E 61 -8.21 -10.69 -3.21
C PRO E 61 -8.47 -12.18 -3.30
N GLY E 62 -9.74 -12.57 -3.22
CA GLY E 62 -10.13 -13.96 -3.27
C GLY E 62 -10.22 -14.68 -1.95
N ALA E 63 -9.84 -14.03 -0.85
CA ALA E 63 -9.83 -14.66 0.46
C ALA E 63 -11.03 -14.19 1.27
N GLY E 64 -11.65 -15.12 1.98
CA GLY E 64 -12.79 -14.81 2.81
C GLY E 64 -13.09 -15.92 3.80
N PRO E 65 -14.11 -15.74 4.61
CA PRO E 65 -14.48 -16.77 5.59
C PRO E 65 -14.97 -18.02 4.90
N PRO E 66 -14.90 -19.18 5.55
CA PRO E 66 -15.38 -20.42 4.92
C PRO E 66 -16.89 -20.43 4.85
N PRO E 67 -17.46 -21.27 3.99
CA PRO E 67 -18.93 -21.41 3.94
C PRO E 67 -19.47 -21.88 5.27
N PRO E 68 -20.77 -21.70 5.51
CA PRO E 68 -21.35 -22.11 6.80
C PRO E 68 -21.18 -23.61 7.02
N GLY E 69 -20.82 -23.97 8.25
CA GLY E 69 -20.58 -25.35 8.59
C GLY E 69 -19.25 -25.91 8.11
N ARG E 70 -18.39 -25.09 7.53
CA ARG E 70 -17.10 -25.54 7.02
C ARG E 70 -16.00 -24.65 7.57
N VAL E 71 -14.77 -25.13 7.45
CA VAL E 71 -13.59 -24.39 7.92
C VAL E 71 -12.56 -24.35 6.80
N LEU E 72 -11.71 -23.33 6.83
CA LEU E 72 -10.70 -23.18 5.79
C LEU E 72 -9.74 -24.36 5.78
N TYR E 73 -9.41 -24.83 4.59
CA TYR E 73 -8.57 -26.01 4.40
C TYR E 73 -8.16 -26.09 2.94
N GLY E 74 -6.92 -26.46 2.69
CA GLY E 74 -6.44 -26.61 1.33
C GLY E 74 -6.02 -25.28 0.71
N GLY E 75 -6.19 -25.19 -0.60
CA GLY E 75 -5.81 -24.01 -1.34
C GLY E 75 -6.71 -22.81 -1.05
N LEU E 76 -6.46 -21.73 -1.78
CA LEU E 76 -7.22 -20.50 -1.61
C LEU E 76 -8.68 -20.72 -1.97
N GLY E 77 -9.57 -20.37 -1.05
CA GLY E 77 -10.99 -20.52 -1.26
C GLY E 77 -11.54 -21.89 -0.97
N ASP E 78 -10.69 -22.89 -0.74
CA ASP E 78 -11.14 -24.23 -0.44
C ASP E 78 -11.49 -24.37 1.04
N SER E 79 -12.19 -25.45 1.37
CA SER E 79 -12.64 -25.67 2.73
C SER E 79 -12.95 -27.15 2.91
N ARG E 80 -13.09 -27.56 4.16
CA ARG E 80 -13.49 -28.91 4.54
C ARG E 80 -14.63 -28.82 5.55
N PRO E 81 -15.44 -29.87 5.68
CA PRO E 81 -16.49 -29.87 6.69
C PRO E 81 -15.90 -29.75 8.09
N GLY E 82 -16.66 -29.08 8.96
CA GLY E 82 -16.22 -28.92 10.33
C GLY E 82 -16.46 -30.16 11.18
N LEU E 83 -15.71 -30.27 12.26
CA LEU E 83 -15.81 -31.40 13.17
C LEU E 83 -16.40 -31.03 14.51
N TRP E 84 -17.29 -30.04 14.54
CA TRP E 84 -17.90 -29.64 15.80
C TRP E 84 -18.72 -30.81 16.36
N GLY E 85 -18.69 -30.95 17.68
CA GLY E 85 -19.33 -32.06 18.34
C GLY E 85 -18.64 -33.40 18.21
N ALA E 86 -17.63 -33.52 17.35
CA ALA E 86 -16.90 -34.77 17.23
C ALA E 86 -16.07 -35.00 18.50
N PRO E 87 -15.85 -36.25 18.90
CA PRO E 87 -15.07 -36.49 20.13
C PRO E 87 -13.65 -35.98 20.05
N GLU E 88 -13.02 -36.07 18.87
CA GLU E 88 -11.65 -35.56 18.74
C GLU E 88 -11.59 -34.06 18.95
N ALA E 89 -12.55 -33.32 18.37
CA ALA E 89 -12.57 -31.88 18.52
C ALA E 89 -12.77 -31.45 19.97
N GLU E 90 -13.65 -32.14 20.70
CA GLU E 90 -13.94 -31.73 22.07
C GLU E 90 -12.78 -32.06 23.00
N GLU E 91 -12.15 -33.23 22.81
CA GLU E 91 -11.00 -33.59 23.63
C GLU E 91 -9.86 -32.59 23.44
N ALA E 92 -9.57 -32.24 22.19
CA ALA E 92 -8.49 -31.31 21.91
C ALA E 92 -8.83 -29.88 22.33
N ARG E 93 -10.11 -29.51 22.24
CA ARG E 93 -10.52 -28.18 22.70
C ARG E 93 -10.28 -27.99 24.19
N ARG E 94 -10.61 -29.00 25.01
CA ARG E 94 -10.38 -28.87 26.45
C ARG E 94 -8.89 -28.74 26.76
N ARG E 95 -8.06 -29.56 26.12
CA ARG E 95 -6.62 -29.48 26.33
C ARG E 95 -6.08 -28.11 25.95
N PHE E 96 -6.54 -27.56 24.82
CA PHE E 96 -6.06 -26.25 24.39
C PHE E 96 -6.45 -25.15 25.37
N GLU E 97 -7.70 -25.16 25.84
CA GLU E 97 -8.18 -24.11 26.73
C GLU E 97 -7.55 -24.14 28.12
N ALA E 98 -6.97 -25.27 28.53
CA ALA E 98 -6.43 -25.39 29.87
C ALA E 98 -4.93 -25.21 29.95
N SER E 99 -4.22 -25.14 28.81
CA SER E 99 -2.76 -25.10 28.83
C SER E 99 -2.16 -23.71 28.77
N GLY E 100 -2.83 -22.75 28.14
CA GLY E 100 -2.22 -21.46 27.91
C GLY E 100 -1.06 -21.45 26.93
N ALA E 101 -0.77 -22.59 26.30
CA ALA E 101 0.29 -22.75 25.33
C ALA E 101 -0.30 -23.00 23.93
N PRO E 102 0.47 -22.75 22.87
CA PRO E 102 -0.02 -23.09 21.53
C PRO E 102 -0.20 -24.59 21.37
N ALA E 103 -1.28 -24.97 20.71
CA ALA E 103 -1.55 -26.39 20.46
C ALA E 103 -0.58 -26.92 19.42
N ALA E 104 -0.10 -28.16 19.64
CA ALA E 104 0.82 -28.76 18.68
C ALA E 104 0.13 -29.11 17.38
N VAL E 105 -1.14 -29.53 17.44
CA VAL E 105 -1.96 -29.78 16.26
C VAL E 105 -3.21 -28.91 16.41
N TRP E 106 -3.33 -27.91 15.56
CA TRP E 106 -4.42 -26.95 15.64
C TRP E 106 -5.39 -27.13 14.48
N ALA E 107 -6.66 -26.88 14.77
CA ALA E 107 -7.74 -26.92 13.79
C ALA E 107 -8.69 -25.78 14.09
N PRO E 108 -9.39 -25.24 13.09
CA PRO E 108 -10.29 -24.11 13.33
C PRO E 108 -11.36 -24.40 14.37
N GLU E 109 -11.73 -25.66 14.56
CA GLU E 109 -12.71 -26.03 15.57
C GLU E 109 -12.21 -25.81 17.00
N LEU E 110 -10.90 -25.58 17.19
CA LEU E 110 -10.36 -25.45 18.53
C LEU E 110 -10.54 -24.07 19.13
N GLY E 111 -10.71 -23.05 18.30
CA GLY E 111 -10.88 -21.70 18.81
C GLY E 111 -10.56 -20.67 17.74
N ASP E 112 -10.36 -19.44 18.18
CA ASP E 112 -10.07 -18.34 17.27
C ASP E 112 -8.65 -18.47 16.73
N ALA E 113 -8.51 -18.34 15.40
CA ALA E 113 -7.20 -18.42 14.79
C ALA E 113 -6.27 -17.33 15.30
N ALA E 114 -6.81 -16.18 15.67
CA ALA E 114 -5.99 -15.09 16.19
C ALA E 114 -5.30 -15.48 17.49
N GLN E 115 -5.94 -16.31 18.31
CA GLN E 115 -5.32 -16.74 19.55
C GLN E 115 -4.13 -17.66 19.29
N GLN E 116 -4.29 -18.63 18.39
CA GLN E 116 -3.18 -19.52 18.07
C GLN E 116 -2.06 -18.78 17.35
N TYR E 117 -2.41 -17.87 16.44
CA TYR E 117 -1.40 -17.04 15.78
C TYR E 117 -0.62 -16.22 16.80
N ALA E 118 -1.31 -15.63 17.77
CA ALA E 118 -0.63 -14.83 18.77
C ALA E 118 0.26 -15.68 19.66
N LEU E 119 -0.18 -16.89 20.00
CA LEU E 119 0.62 -17.78 20.84
C LEU E 119 1.87 -18.25 20.11
N ILE E 120 1.75 -18.58 18.82
CA ILE E 120 2.91 -19.01 18.05
C ILE E 120 3.88 -17.86 17.85
N THR E 121 3.36 -16.66 17.58
CA THR E 121 4.22 -15.49 17.42
C THR E 121 4.98 -15.19 18.71
N ARG E 122 4.30 -15.25 19.86
CA ARG E 122 4.98 -15.04 21.12
C ARG E 122 6.03 -16.12 21.37
N LEU E 123 5.71 -17.37 21.04
CA LEU E 123 6.67 -18.46 21.22
C LEU E 123 7.91 -18.24 20.36
N LEU E 124 7.74 -17.71 19.15
CA LEU E 124 8.89 -17.49 18.26
C LEU E 124 9.82 -16.41 18.78
N TYR E 125 9.38 -15.60 19.74
CA TYR E 125 10.20 -14.56 20.34
C TYR E 125 10.61 -14.89 21.77
N THR E 126 10.30 -16.10 22.24
CA THR E 126 10.61 -16.46 23.62
C THR E 126 11.98 -17.11 23.70
N PRO E 127 12.87 -16.62 24.56
CA PRO E 127 14.21 -17.21 24.67
C PRO E 127 14.14 -18.60 25.25
N ASP E 128 15.06 -19.46 24.77
CA ASP E 128 15.20 -20.85 25.23
C ASP E 128 13.97 -21.68 24.94
N ALA E 129 13.10 -21.23 24.04
CA ALA E 129 11.87 -21.96 23.76
C ALA E 129 12.04 -23.08 22.75
N GLU E 130 13.13 -23.09 21.99
CA GLU E 130 13.35 -24.09 20.94
C GLU E 130 12.19 -24.08 19.94
N ALA E 131 11.83 -22.87 19.50
CA ALA E 131 10.63 -22.70 18.68
C ALA E 131 10.75 -23.43 17.34
N MET E 132 11.92 -23.36 16.71
CA MET E 132 12.10 -24.01 15.41
C MET E 132 12.03 -25.52 15.55
N GLY E 133 12.63 -26.08 16.60
CA GLY E 133 12.52 -27.50 16.83
C GLY E 133 11.11 -27.95 17.16
N TRP E 134 10.36 -27.10 17.88
CA TRP E 134 8.98 -27.45 18.21
C TRP E 134 8.08 -27.40 16.99
N LEU E 135 8.34 -26.47 16.07
CA LEU E 135 7.54 -26.40 14.84
C LEU E 135 7.75 -27.64 13.99
N GLN E 136 8.98 -28.18 13.98
CA GLN E 136 9.25 -29.34 13.12
C GLN E 136 8.83 -30.64 13.79
N ASN E 137 9.08 -30.79 15.09
CA ASN E 137 8.85 -32.05 15.80
C ASN E 137 8.33 -31.77 17.20
N PRO E 138 7.07 -31.38 17.33
CA PRO E 138 6.51 -31.11 18.65
C PRO E 138 6.13 -32.39 19.39
N ARG E 139 6.02 -32.27 20.71
CA ARG E 139 5.49 -33.36 21.52
C ARG E 139 3.99 -33.45 21.34
N VAL E 140 3.51 -34.64 21.01
CA VAL E 140 2.11 -34.86 20.64
C VAL E 140 1.53 -35.97 21.50
N VAL E 141 0.46 -35.68 22.23
CA VAL E 141 -0.27 -36.68 23.01
C VAL E 141 -1.16 -37.43 22.02
N PRO E 142 -1.69 -38.60 22.37
CA PRO E 142 -2.52 -39.34 21.40
C PRO E 142 -3.69 -38.55 20.85
N GLY E 143 -4.26 -37.63 21.64
CA GLY E 143 -5.36 -36.81 21.13
C GLY E 143 -4.96 -35.93 19.97
N ASP E 144 -3.71 -35.47 19.95
CA ASP E 144 -3.24 -34.66 18.83
C ASP E 144 -3.22 -35.47 17.53
N VAL E 145 -2.80 -36.74 17.61
CA VAL E 145 -2.77 -37.58 16.41
C VAL E 145 -4.18 -37.85 15.91
N ALA E 146 -5.12 -38.12 16.83
CA ALA E 146 -6.49 -38.39 16.43
C ALA E 146 -7.13 -37.16 15.78
N LEU E 147 -6.84 -35.97 16.32
CA LEU E 147 -7.35 -34.75 15.72
C LEU E 147 -6.79 -34.57 14.31
N ASP E 148 -5.49 -34.78 14.15
CA ASP E 148 -4.87 -34.61 12.84
C ASP E 148 -5.43 -35.59 11.81
N GLN E 149 -5.68 -36.83 12.23
CA GLN E 149 -6.26 -37.80 11.29
C GLN E 149 -7.70 -37.45 10.95
N ALA E 150 -8.45 -36.91 11.93
CA ALA E 150 -9.84 -36.55 11.68
C ALA E 150 -9.96 -35.41 10.68
N CYS E 151 -9.01 -34.48 10.66
CA CYS E 151 -9.12 -33.33 9.76
C CYS E 151 -8.96 -33.75 8.30
N PHE E 152 -7.93 -34.56 7.98
CA PHE E 152 -7.78 -34.93 6.58
C PHE E 152 -8.79 -35.99 6.15
N ARG E 153 -9.26 -36.80 7.10
CA ARG E 153 -10.28 -37.80 6.76
C ARG E 153 -11.61 -37.15 6.40
N ILE E 154 -12.05 -36.16 7.20
CA ILE E 154 -13.32 -35.52 6.91
C ILE E 154 -13.25 -34.66 5.65
N SER E 155 -12.05 -34.25 5.24
CA SER E 155 -11.88 -33.55 3.98
C SER E 155 -11.91 -34.49 2.77
N GLY E 156 -11.95 -35.80 3.01
CA GLY E 156 -12.08 -36.78 1.94
C GLY E 156 -10.83 -37.58 1.67
N ALA E 157 -9.75 -37.36 2.42
CA ALA E 157 -8.48 -38.03 2.19
C ALA E 157 -8.38 -39.24 3.12
N ALA E 158 -8.03 -40.39 2.55
CA ALA E 158 -7.92 -41.61 3.35
C ALA E 158 -6.55 -41.71 4.01
N ARG E 159 -5.51 -41.26 3.34
CA ARG E 159 -4.15 -41.30 3.84
C ARG E 159 -3.68 -39.90 4.19
N ASN E 160 -2.48 -39.83 4.75
CA ASN E 160 -1.75 -38.58 4.94
C ASN E 160 -0.60 -38.61 3.93
N SER E 161 -0.55 -37.60 3.06
CA SER E 161 0.43 -37.58 1.99
C SER E 161 1.12 -36.22 1.93
N SER E 162 2.42 -36.26 1.64
CA SER E 162 3.26 -35.07 1.57
C SER E 162 2.86 -34.09 0.48
N SER E 163 2.04 -34.52 -0.48
CA SER E 163 1.79 -33.74 -1.68
C SER E 163 0.56 -32.85 -1.59
N PHE E 164 -0.37 -33.14 -0.69
CA PHE E 164 -1.61 -32.38 -0.67
C PHE E 164 -1.38 -30.97 -0.16
N ILE E 165 -2.06 -30.02 -0.78
CA ILE E 165 -1.98 -28.62 -0.36
C ILE E 165 -2.95 -28.44 0.81
N THR E 166 -2.42 -28.03 1.96
CA THR E 166 -3.23 -27.86 3.15
C THR E 166 -3.44 -26.40 3.55
N GLY E 167 -2.61 -25.48 3.05
CA GLY E 167 -2.65 -24.11 3.48
C GLY E 167 -1.81 -23.81 4.71
N SER E 168 -1.08 -24.79 5.23
CA SER E 168 -0.19 -24.59 6.36
C SER E 168 0.86 -25.69 6.36
N VAL E 169 2.13 -25.31 6.39
CA VAL E 169 3.20 -26.29 6.32
C VAL E 169 3.44 -27.00 7.65
N ALA E 170 2.97 -26.42 8.75
CA ALA E 170 3.09 -27.02 10.08
C ALA E 170 1.72 -27.09 10.72
N ARG E 171 1.42 -28.22 11.36
CA ARG E 171 0.08 -28.48 11.88
C ARG E 171 -0.31 -27.50 12.99
N ALA E 172 0.66 -26.93 13.70
CA ALA E 172 0.34 -25.97 14.75
C ALA E 172 -0.10 -24.62 14.21
N VAL E 173 0.30 -24.27 12.99
CA VAL E 173 0.01 -22.95 12.43
C VAL E 173 -1.36 -22.98 11.76
N PRO E 174 -2.25 -22.06 12.12
CA PRO E 174 -3.57 -22.02 11.48
C PRO E 174 -3.46 -21.76 9.99
N HIS E 175 -4.53 -22.13 9.27
CA HIS E 175 -4.58 -21.96 7.82
C HIS E 175 -4.24 -20.53 7.43
N LEU E 176 -3.43 -20.40 6.37
CA LEU E 176 -3.01 -19.08 5.91
C LEU E 176 -4.19 -18.21 5.50
N GLY E 177 -5.29 -18.84 5.07
CA GLY E 177 -6.45 -18.08 4.62
C GLY E 177 -7.02 -17.17 5.69
N TYR E 178 -6.83 -17.50 6.97
CA TYR E 178 -7.29 -16.62 8.03
C TYR E 178 -6.44 -15.35 8.09
N ALA E 179 -5.14 -15.48 7.81
CA ALA E 179 -4.30 -14.29 7.68
C ALA E 179 -4.63 -13.53 6.40
N MET E 180 -4.91 -14.26 5.32
CA MET E 180 -5.25 -13.60 4.06
C MET E 180 -6.60 -12.91 4.14
N ALA E 181 -7.57 -13.54 4.79
CA ALA E 181 -8.89 -12.92 4.91
C ALA E 181 -8.84 -11.67 5.77
N ALA E 182 -8.00 -11.66 6.81
CA ALA E 182 -7.87 -10.51 7.69
C ALA E 182 -6.86 -9.49 7.19
N GLY E 183 -6.15 -9.78 6.10
CA GLY E 183 -5.09 -8.91 5.63
C GLY E 183 -4.04 -8.63 6.68
N ARG E 184 -3.66 -9.66 7.43
CA ARG E 184 -2.70 -9.55 8.52
C ARG E 184 -1.39 -10.16 8.06
N PHE E 185 -0.52 -9.33 7.49
CA PHE E 185 0.76 -9.80 6.96
C PHE E 185 1.71 -10.25 8.06
N GLY E 186 1.54 -9.76 9.29
CA GLY E 186 2.38 -10.21 10.37
C GLY E 186 2.20 -11.67 10.72
N TRP E 187 1.03 -12.22 10.43
CA TRP E 187 0.80 -13.65 10.60
C TRP E 187 1.56 -14.49 9.58
N GLY E 188 2.16 -13.86 8.57
CA GLY E 188 3.04 -14.58 7.66
C GLY E 188 4.31 -15.09 8.32
N LEU E 189 4.70 -14.47 9.44
CA LEU E 189 5.90 -14.92 10.15
C LEU E 189 5.76 -16.36 10.60
N ALA E 190 4.59 -16.73 11.13
CA ALA E 190 4.37 -18.09 11.58
C ALA E 190 4.55 -19.09 10.45
N HIS E 191 4.11 -18.74 9.25
CA HIS E 191 4.22 -19.66 8.12
C HIS E 191 5.64 -19.68 7.55
N ALA E 192 6.27 -18.51 7.43
CA ALA E 192 7.64 -18.46 6.92
C ALA E 192 8.60 -19.17 7.85
N ALA E 193 8.46 -18.93 9.16
CA ALA E 193 9.32 -19.62 10.13
C ALA E 193 9.07 -21.12 10.12
N ALA E 194 7.82 -21.53 9.94
CA ALA E 194 7.50 -22.96 9.93
C ALA E 194 8.03 -23.63 8.67
N ALA E 195 8.01 -22.93 7.53
CA ALA E 195 8.55 -23.49 6.30
C ALA E 195 10.06 -23.71 6.42
N VAL E 196 10.75 -22.78 7.08
CA VAL E 196 12.18 -22.96 7.33
C VAL E 196 12.40 -24.10 8.32
N ALA E 197 11.62 -24.12 9.40
CA ALA E 197 11.77 -25.16 10.41
C ALA E 197 11.49 -26.55 9.86
N MET E 198 10.54 -26.67 8.92
CA MET E 198 10.21 -27.96 8.34
C MET E 198 11.19 -28.39 7.26
N SER E 199 12.00 -27.47 6.72
CA SER E 199 12.95 -27.84 5.69
C SER E 199 14.06 -28.71 6.28
N ARG E 200 14.45 -29.73 5.54
CA ARG E 200 15.52 -30.63 5.92
C ARG E 200 16.86 -30.22 5.33
N ARG E 201 16.91 -29.06 4.67
CA ARG E 201 18.11 -28.60 3.97
C ARG E 201 18.98 -27.69 4.84
N TYR E 202 18.49 -27.32 6.03
CA TYR E 202 19.24 -26.51 6.98
C TYR E 202 19.39 -27.28 8.29
N ASP E 203 20.52 -27.08 8.96
CA ASP E 203 20.72 -27.70 10.25
C ASP E 203 20.18 -26.80 11.36
N ARG E 204 20.40 -27.21 12.61
CA ARG E 204 19.82 -26.49 13.74
C ARG E 204 20.38 -25.09 13.87
N ALA E 205 21.71 -24.94 13.72
CA ALA E 205 22.32 -23.63 13.88
C ALA E 205 21.94 -22.68 12.76
N GLN E 206 21.75 -23.20 11.54
CA GLN E 206 21.32 -22.35 10.43
C GLN E 206 19.89 -21.85 10.64
N LYS E 207 19.00 -22.72 11.12
CA LYS E 207 17.63 -22.31 11.40
C LYS E 207 17.57 -21.28 12.52
N GLY E 208 18.49 -21.36 13.49
CA GLY E 208 18.53 -20.36 14.54
C GLY E 208 18.91 -18.98 14.01
N PHE E 209 19.84 -18.93 13.06
CA PHE E 209 20.18 -17.65 12.42
C PHE E 209 18.99 -17.11 11.64
N LEU E 210 18.29 -17.98 10.92
CA LEU E 210 17.12 -17.53 10.15
C LEU E 210 16.00 -17.07 11.07
N LEU E 211 15.85 -17.68 12.24
CA LEU E 211 14.86 -17.21 13.20
C LEU E 211 15.18 -15.80 13.69
N THR E 212 16.45 -15.53 13.98
CA THR E 212 16.84 -14.18 14.38
C THR E 212 16.63 -13.20 13.23
N SER E 213 16.90 -13.63 12.00
CA SER E 213 16.62 -12.79 10.84
C SER E 213 15.13 -12.44 10.76
N LEU E 214 14.26 -13.44 10.94
CA LEU E 214 12.83 -13.19 10.89
C LEU E 214 12.36 -12.38 12.09
N ARG E 215 12.96 -12.58 13.26
CA ARG E 215 12.61 -11.78 14.43
C ARG E 215 12.86 -10.30 14.17
N ARG E 216 14.04 -9.97 13.64
CA ARG E 216 14.38 -8.57 13.37
C ARG E 216 13.44 -7.96 12.32
N ALA E 217 13.11 -8.74 11.30
CA ALA E 217 12.29 -8.20 10.21
C ALA E 217 10.86 -7.92 10.67
N TYR E 218 10.26 -8.85 11.40
CA TYR E 218 8.84 -8.78 11.72
C TYR E 218 8.53 -8.04 13.01
N ALA E 219 9.52 -7.79 13.87
CA ALA E 219 9.24 -7.16 15.16
C ALA E 219 8.60 -5.78 15.03
N PRO E 220 9.11 -4.84 14.22
CA PRO E 220 8.39 -3.55 14.11
C PRO E 220 7.04 -3.70 13.43
N LEU E 221 6.90 -4.62 12.49
CA LEU E 221 5.61 -4.84 11.84
C LEU E 221 4.58 -5.37 12.83
N LEU E 222 4.98 -6.37 13.63
CA LEU E 222 4.05 -6.96 14.59
C LEU E 222 3.61 -5.95 15.65
N ALA E 223 4.55 -5.13 16.13
CA ALA E 223 4.22 -4.11 17.13
C ALA E 223 3.16 -3.15 16.60
N ARG E 224 3.35 -2.67 15.37
CA ARG E 224 2.41 -1.73 14.76
C ARG E 224 1.10 -2.43 14.38
N GLU E 225 1.17 -3.70 14.01
CA GLU E 225 -0.03 -4.42 13.58
C GLU E 225 -0.93 -4.75 14.76
N ASN E 226 -0.35 -5.16 15.88
CA ASN E 226 -1.17 -5.49 17.05
C ASN E 226 -1.84 -4.25 17.64
N ALA E 227 -1.21 -3.08 17.50
CA ALA E 227 -1.82 -1.86 18.01
C ALA E 227 -2.90 -1.34 17.07
N ALA E 228 -2.63 -1.32 15.77
CA ALA E 228 -3.59 -0.79 14.81
C ALA E 228 -4.78 -1.71 14.60
N LEU E 229 -4.58 -3.02 14.70
CA LEU E 229 -5.64 -3.97 14.40
C LEU E 229 -6.16 -4.64 15.66
N GLU F 36 -7.79 0.18 -20.82
CA GLU F 36 -8.16 0.28 -22.23
C GLU F 36 -8.41 1.73 -22.61
N LEU F 37 -8.55 1.98 -23.91
CA LEU F 37 -8.85 3.32 -24.40
C LEU F 37 -9.29 3.22 -25.85
N ASP F 38 -10.48 3.71 -26.16
CA ASP F 38 -11.09 3.59 -27.46
C ASP F 38 -11.16 4.95 -28.15
N ALA F 39 -11.59 4.91 -29.42
CA ALA F 39 -11.97 6.14 -30.10
C ALA F 39 -13.28 6.71 -29.58
N ASP F 40 -14.10 5.86 -28.95
CA ASP F 40 -15.31 6.35 -28.29
C ASP F 40 -14.97 7.28 -27.13
N ALA F 41 -13.79 7.12 -26.54
CA ALA F 41 -13.35 7.97 -25.43
C ALA F 41 -12.59 9.19 -25.92
N THR F 42 -11.63 8.99 -26.85
CA THR F 42 -10.82 10.11 -27.31
C THR F 42 -11.65 11.12 -28.10
N SER F 43 -12.71 10.68 -28.76
CA SER F 43 -13.60 11.60 -29.45
C SER F 43 -14.55 12.31 -28.50
N GLY F 44 -14.75 11.77 -27.30
CA GLY F 44 -15.60 12.39 -26.31
C GLY F 44 -16.98 11.80 -26.16
N ALA F 45 -17.35 10.82 -26.99
CA ALA F 45 -18.70 10.29 -26.93
C ALA F 45 -18.92 9.41 -25.71
N PHE F 46 -17.86 8.86 -25.11
CA PHE F 46 -18.07 8.03 -23.91
C PHE F 46 -18.45 8.90 -22.72
N TYR F 47 -17.95 10.13 -22.67
CA TYR F 47 -18.26 11.04 -21.57
C TYR F 47 -19.63 11.68 -21.75
N ALA F 48 -20.07 11.88 -23.00
CA ALA F 48 -21.39 12.42 -23.24
C ALA F 48 -22.49 11.44 -22.84
N ARG F 49 -22.18 10.15 -22.74
CA ARG F 49 -23.13 9.13 -22.35
C ARG F 49 -23.04 8.75 -20.89
N TYR F 50 -22.32 9.53 -20.08
CA TYR F 50 -22.15 9.17 -18.67
C TYR F 50 -23.50 9.23 -17.94
N ARG F 51 -23.80 8.15 -17.22
CA ARG F 51 -24.99 8.07 -16.39
C ARG F 51 -24.65 7.32 -15.11
N ASP F 52 -25.16 7.78 -13.99
CA ASP F 52 -24.99 7.07 -12.73
C ASP F 52 -26.36 6.71 -12.16
N GLY F 53 -26.36 5.85 -11.15
CA GLY F 53 -27.57 5.41 -10.49
C GLY F 53 -28.02 6.28 -9.33
N TYR F 54 -27.42 7.45 -9.16
CA TYR F 54 -27.78 8.36 -8.07
C TYR F 54 -28.70 9.46 -8.59
N VAL F 55 -29.49 10.02 -7.67
CA VAL F 55 -30.45 11.07 -7.99
C VAL F 55 -30.11 12.31 -7.17
N SER F 56 -29.95 13.44 -7.85
CA SER F 56 -29.69 14.69 -7.16
C SER F 56 -30.85 15.04 -6.23
N GLY F 57 -30.51 15.46 -5.01
CA GLY F 57 -31.50 15.78 -4.01
C GLY F 57 -31.94 14.61 -3.16
N GLU F 58 -31.44 13.41 -3.44
CA GLU F 58 -31.76 12.22 -2.66
C GLU F 58 -30.55 11.79 -1.85
N PRO F 59 -30.75 11.23 -0.66
CA PRO F 59 -29.62 10.92 0.22
C PRO F 59 -28.66 9.93 -0.41
N TRP F 60 -27.37 10.18 -0.22
CA TRP F 60 -26.35 9.23 -0.64
C TRP F 60 -26.46 7.98 0.24
N PRO F 61 -26.21 6.79 -0.32
CA PRO F 61 -26.34 5.56 0.48
C PRO F 61 -25.52 5.59 1.76
N GLY F 62 -26.20 5.45 2.90
CA GLY F 62 -25.55 5.47 4.18
C GLY F 62 -25.45 6.83 4.86
N ALA F 63 -25.87 7.90 4.18
CA ALA F 63 -25.75 9.24 4.70
C ALA F 63 -27.09 9.72 5.24
N GLY F 64 -27.04 10.41 6.38
CA GLY F 64 -28.22 10.94 7.01
C GLY F 64 -27.89 11.98 8.06
N PRO F 65 -28.92 12.53 8.70
CA PRO F 65 -28.68 13.52 9.75
C PRO F 65 -28.00 12.91 10.96
N PRO F 66 -27.33 13.71 11.77
CA PRO F 66 -26.67 13.17 12.97
C PRO F 66 -27.69 12.78 14.02
N PRO F 67 -27.32 11.93 14.97
CA PRO F 67 -28.22 11.60 16.07
C PRO F 67 -28.62 12.85 16.85
N PRO F 68 -29.71 12.80 17.62
CA PRO F 68 -30.15 14.00 18.35
C PRO F 68 -29.09 14.49 19.32
N GLY F 69 -28.97 15.81 19.41
CA GLY F 69 -27.98 16.44 20.27
C GLY F 69 -26.55 16.38 19.76
N ARG F 70 -26.33 15.87 18.55
CA ARG F 70 -24.99 15.73 17.99
C ARG F 70 -24.95 16.35 16.61
N VAL F 71 -23.74 16.56 16.11
CA VAL F 71 -23.53 17.13 14.79
C VAL F 71 -22.57 16.24 14.01
N LEU F 72 -22.66 16.30 12.68
CA LEU F 72 -21.83 15.46 11.83
C LEU F 72 -20.35 15.80 12.01
N TYR F 73 -19.52 14.75 12.07
CA TYR F 73 -18.09 14.90 12.32
C TYR F 73 -17.43 13.57 12.02
N GLY F 74 -16.25 13.62 11.42
CA GLY F 74 -15.50 12.41 11.13
C GLY F 74 -15.96 11.70 9.87
N GLY F 75 -15.82 10.38 9.87
CA GLY F 75 -16.19 9.58 8.73
C GLY F 75 -17.69 9.52 8.49
N LEU F 76 -18.07 8.72 7.51
CA LEU F 76 -19.48 8.57 7.15
C LEU F 76 -20.27 7.99 8.31
N GLY F 77 -21.36 8.67 8.68
CA GLY F 77 -22.21 8.23 9.76
C GLY F 77 -21.74 8.58 11.16
N ASP F 78 -20.53 9.09 11.32
CA ASP F 78 -20.02 9.45 12.63
C ASP F 78 -20.49 10.84 13.02
N SER F 79 -20.35 11.17 14.31
CA SER F 79 -20.82 12.44 14.84
C SER F 79 -20.07 12.74 16.13
N ARG F 80 -20.18 14.00 16.56
CA ARG F 80 -19.65 14.48 17.82
C ARG F 80 -20.72 15.25 18.57
N PRO F 81 -20.61 15.37 19.89
CA PRO F 81 -21.58 16.16 20.64
C PRO F 81 -21.55 17.62 20.21
N GLY F 82 -22.72 18.25 20.26
CA GLY F 82 -22.83 19.65 19.91
C GLY F 82 -22.40 20.57 21.03
N LEU F 83 -22.01 21.79 20.66
CA LEU F 83 -21.55 22.78 21.61
C LEU F 83 -22.52 23.95 21.74
N TRP F 84 -23.82 23.68 21.60
CA TRP F 84 -24.81 24.75 21.75
C TRP F 84 -24.74 25.31 23.17
N GLY F 85 -24.93 26.62 23.28
CA GLY F 85 -24.80 27.32 24.54
C GLY F 85 -23.38 27.53 25.02
N ALA F 86 -22.38 26.89 24.40
CA ALA F 86 -21.01 27.11 24.79
C ALA F 86 -20.56 28.52 24.39
N PRO F 87 -19.66 29.14 25.16
CA PRO F 87 -19.22 30.49 24.79
C PRO F 87 -18.50 30.56 23.45
N GLU F 88 -17.74 29.53 23.08
CA GLU F 88 -17.03 29.56 21.81
C GLU F 88 -17.99 29.51 20.63
N ALA F 89 -18.97 28.60 20.68
CA ALA F 89 -19.92 28.47 19.58
C ALA F 89 -20.78 29.71 19.42
N GLU F 90 -21.27 30.27 20.52
CA GLU F 90 -22.20 31.39 20.43
C GLU F 90 -21.49 32.68 20.03
N GLU F 91 -20.27 32.89 20.52
CA GLU F 91 -19.49 34.05 20.10
C GLU F 91 -19.26 34.02 18.60
N ALA F 92 -18.90 32.84 18.06
CA ALA F 92 -18.66 32.72 16.63
C ALA F 92 -19.96 32.81 15.84
N ARG F 93 -21.07 32.32 16.40
CA ARG F 93 -22.34 32.42 15.69
C ARG F 93 -22.74 33.87 15.47
N ARG F 94 -22.58 34.71 16.50
CA ARG F 94 -22.91 36.12 16.36
C ARG F 94 -22.03 36.82 15.33
N ARG F 95 -20.72 36.56 15.37
CA ARG F 95 -19.82 37.13 14.37
C ARG F 95 -20.21 36.69 12.96
N PHE F 96 -20.55 35.42 12.78
CA PHE F 96 -20.92 34.92 11.46
C PHE F 96 -22.17 35.63 10.94
N GLU F 97 -23.19 35.78 11.78
CA GLU F 97 -24.44 36.38 11.35
C GLU F 97 -24.32 37.88 11.09
N ALA F 98 -23.28 38.53 11.61
CA ALA F 98 -23.11 39.97 11.49
C ALA F 98 -22.14 40.38 10.39
N SER F 99 -21.42 39.44 9.79
CA SER F 99 -20.39 39.77 8.82
C SER F 99 -20.87 39.72 7.38
N GLY F 100 -21.87 38.90 7.07
CA GLY F 100 -22.30 38.70 5.70
C GLY F 100 -21.32 37.96 4.82
N ALA F 101 -20.21 37.50 5.37
CA ALA F 101 -19.19 36.76 4.66
C ALA F 101 -19.13 35.32 5.17
N PRO F 102 -18.59 34.39 4.39
CA PRO F 102 -18.42 33.03 4.89
C PRO F 102 -17.46 33.01 6.06
N ALA F 103 -17.79 32.20 7.07
CA ALA F 103 -16.94 32.10 8.24
C ALA F 103 -15.63 31.38 7.91
N ALA F 104 -14.54 31.89 8.46
CA ALA F 104 -13.23 31.27 8.23
C ALA F 104 -13.13 29.92 8.92
N VAL F 105 -13.76 29.79 10.08
CA VAL F 105 -13.86 28.52 10.80
C VAL F 105 -15.34 28.27 11.02
N TRP F 106 -15.87 27.23 10.38
CA TRP F 106 -17.29 26.93 10.44
C TRP F 106 -17.54 25.66 11.24
N ALA F 107 -18.65 25.64 11.96
CA ALA F 107 -19.11 24.49 12.72
C ALA F 107 -20.62 24.41 12.60
N PRO F 108 -21.21 23.21 12.67
CA PRO F 108 -22.67 23.10 12.53
C PRO F 108 -23.45 23.92 13.53
N GLU F 109 -22.87 24.21 14.69
CA GLU F 109 -23.54 25.07 15.67
C GLU F 109 -23.70 26.50 15.20
N LEU F 110 -23.03 26.90 14.11
CA LEU F 110 -23.08 28.28 13.66
C LEU F 110 -24.31 28.59 12.81
N GLY F 111 -24.92 27.58 12.20
CA GLY F 111 -26.08 27.80 11.38
C GLY F 111 -26.28 26.64 10.41
N ASP F 112 -27.13 26.89 9.41
CA ASP F 112 -27.41 25.88 8.41
C ASP F 112 -26.22 25.71 7.47
N ALA F 113 -25.83 24.46 7.21
CA ALA F 113 -24.71 24.19 6.32
C ALA F 113 -24.97 24.72 4.91
N ALA F 114 -26.24 24.76 4.49
CA ALA F 114 -26.56 25.24 3.15
C ALA F 114 -26.14 26.70 2.96
N GLN F 115 -26.20 27.51 4.02
CA GLN F 115 -25.79 28.90 3.91
C GLN F 115 -24.29 29.02 3.70
N GLN F 116 -23.49 28.27 4.47
CA GLN F 116 -22.05 28.33 4.31
C GLN F 116 -21.62 27.73 2.98
N TYR F 117 -22.24 26.63 2.56
CA TYR F 117 -21.96 26.05 1.26
C TYR F 117 -22.22 27.05 0.13
N ALA F 118 -23.35 27.76 0.20
CA ALA F 118 -23.69 28.72 -0.85
C ALA F 118 -22.73 29.91 -0.83
N LEU F 119 -22.33 30.37 0.36
CA LEU F 119 -21.41 31.51 0.44
C LEU F 119 -20.04 31.15 -0.11
N ILE F 120 -19.54 29.96 0.20
CA ILE F 120 -18.25 29.53 -0.32
C ILE F 120 -18.33 29.28 -1.81
N THR F 121 -19.43 28.68 -2.27
CA THR F 121 -19.61 28.43 -3.70
C THR F 121 -19.63 29.74 -4.48
N ARG F 122 -20.37 30.73 -3.98
CA ARG F 122 -20.38 32.03 -4.63
C ARG F 122 -19.00 32.68 -4.59
N LEU F 123 -18.30 32.56 -3.46
CA LEU F 123 -16.97 33.13 -3.32
C LEU F 123 -16.01 32.55 -4.36
N LEU F 124 -16.17 31.27 -4.68
CA LEU F 124 -15.30 30.65 -5.67
C LEU F 124 -15.50 31.20 -7.08
N TYR F 125 -16.58 31.93 -7.32
CA TYR F 125 -16.83 32.52 -8.63
C TYR F 125 -16.67 34.03 -8.67
N THR F 126 -16.28 34.69 -7.55
CA THR F 126 -16.14 36.14 -7.66
C THR F 126 -14.70 36.49 -8.02
N PRO F 127 -14.47 37.31 -9.03
CA PRO F 127 -13.10 37.66 -9.41
C PRO F 127 -12.39 38.45 -8.32
N ASP F 128 -11.07 38.23 -8.24
CA ASP F 128 -10.18 38.91 -7.30
C ASP F 128 -10.48 38.59 -5.85
N ALA F 129 -11.18 37.48 -5.59
CA ALA F 129 -11.56 37.13 -4.22
C ALA F 129 -10.48 36.40 -3.44
N GLU F 130 -9.46 35.87 -4.12
CA GLU F 130 -8.41 35.07 -3.48
C GLU F 130 -9.00 33.86 -2.76
N ALA F 131 -9.91 33.15 -3.44
CA ALA F 131 -10.64 32.06 -2.80
C ALA F 131 -9.71 30.92 -2.43
N MET F 132 -8.78 30.58 -3.32
CA MET F 132 -7.86 29.48 -3.04
C MET F 132 -6.92 29.82 -1.90
N GLY F 133 -6.42 31.06 -1.86
CA GLY F 133 -5.59 31.47 -0.74
C GLY F 133 -6.37 31.55 0.56
N TRP F 134 -7.63 31.96 0.48
CA TRP F 134 -8.47 32.06 1.68
C TRP F 134 -8.82 30.67 2.21
N LEU F 135 -9.06 29.71 1.32
CA LEU F 135 -9.35 28.35 1.77
C LEU F 135 -8.16 27.71 2.47
N GLN F 136 -6.94 28.03 2.03
CA GLN F 136 -5.76 27.41 2.62
C GLN F 136 -5.30 28.12 3.89
N ASN F 137 -5.33 29.45 3.89
CA ASN F 137 -4.80 30.24 4.99
C ASN F 137 -5.65 31.48 5.21
N PRO F 138 -6.83 31.33 5.81
CA PRO F 138 -7.66 32.50 6.07
C PRO F 138 -7.16 33.26 7.29
N ARG F 139 -7.47 34.54 7.34
CA ARG F 139 -7.17 35.33 8.52
C ARG F 139 -8.19 34.99 9.61
N VAL F 140 -7.68 34.60 10.79
CA VAL F 140 -8.51 34.05 11.86
C VAL F 140 -8.30 34.85 13.13
N VAL F 141 -9.40 35.37 13.68
CA VAL F 141 -9.37 36.08 14.95
C VAL F 141 -9.29 35.03 16.06
N PRO F 142 -8.92 35.41 17.29
CA PRO F 142 -8.83 34.39 18.36
C PRO F 142 -10.11 33.61 18.58
N GLY F 143 -11.28 34.22 18.34
CA GLY F 143 -12.52 33.48 18.48
C GLY F 143 -12.64 32.33 17.51
N ASP F 144 -12.12 32.49 16.30
CA ASP F 144 -12.11 31.39 15.34
C ASP F 144 -11.22 30.25 15.82
N VAL F 145 -10.09 30.58 16.43
CA VAL F 145 -9.20 29.54 16.93
C VAL F 145 -9.85 28.81 18.10
N ALA F 146 -10.51 29.55 19.00
CA ALA F 146 -11.15 28.92 20.15
C ALA F 146 -12.28 27.99 19.72
N LEU F 147 -13.04 28.39 18.70
CA LEU F 147 -14.11 27.52 18.20
C LEU F 147 -13.55 26.22 17.64
N ASP F 148 -12.49 26.31 16.83
CA ASP F 148 -11.91 25.11 16.24
C ASP F 148 -11.33 24.19 17.30
N GLN F 149 -10.72 24.75 18.34
CA GLN F 149 -10.14 23.91 19.37
C GLN F 149 -11.22 23.19 20.17
N ALA F 150 -12.36 23.84 20.39
CA ALA F 150 -13.44 23.22 21.13
C ALA F 150 -14.09 22.07 20.35
N CYS F 151 -14.18 22.18 19.02
CA CYS F 151 -14.86 21.16 18.25
C CYS F 151 -14.11 19.83 18.25
N PHE F 152 -12.80 19.84 18.00
CA PHE F 152 -12.10 18.57 17.98
C PHE F 152 -11.88 18.04 19.39
N ARG F 153 -11.81 18.92 20.39
CA ARG F 153 -11.67 18.47 21.77
C ARG F 153 -12.93 17.74 22.23
N ILE F 154 -14.11 18.32 21.95
CA ILE F 154 -15.35 17.68 22.37
C ILE F 154 -15.64 16.42 21.56
N SER F 155 -15.01 16.26 20.40
CA SER F 155 -15.16 15.01 19.65
C SER F 155 -14.42 13.88 20.35
N GLY F 156 -13.15 14.09 20.68
CA GLY F 156 -12.42 13.13 21.49
C GLY F 156 -10.92 13.28 21.35
N ALA F 157 -10.50 14.36 20.69
CA ALA F 157 -9.11 14.57 20.36
C ALA F 157 -8.42 15.45 21.39
N ALA F 158 -7.14 15.16 21.64
CA ALA F 158 -6.36 15.95 22.58
C ALA F 158 -5.74 17.15 21.89
N ARG F 159 -5.39 17.02 20.62
CA ARG F 159 -4.84 18.11 19.84
C ARG F 159 -5.22 17.87 18.38
N ASN F 160 -5.16 18.95 17.59
CA ASN F 160 -5.35 18.81 16.15
C ASN F 160 -4.23 17.98 15.56
N SER F 161 -4.61 16.94 14.81
CA SER F 161 -3.66 16.01 14.22
C SER F 161 -4.00 15.78 12.76
N SER F 162 -2.96 15.73 11.92
CA SER F 162 -3.12 15.62 10.48
C SER F 162 -3.74 14.30 10.04
N SER F 163 -3.76 13.29 10.91
CA SER F 163 -4.20 11.96 10.53
C SER F 163 -5.69 11.71 10.75
N PHE F 164 -6.38 12.59 11.48
CA PHE F 164 -7.78 12.33 11.79
C PHE F 164 -8.66 12.59 10.58
N ILE F 165 -9.66 11.73 10.40
CA ILE F 165 -10.67 11.95 9.37
C ILE F 165 -11.70 12.90 9.95
N THR F 166 -11.86 14.07 9.33
CA THR F 166 -12.78 15.08 9.83
C THR F 166 -14.03 15.26 8.98
N GLY F 167 -14.01 14.82 7.73
CA GLY F 167 -15.10 15.10 6.82
C GLY F 167 -15.00 16.43 6.10
N SER F 168 -13.92 17.18 6.31
CA SER F 168 -13.71 18.44 5.62
C SER F 168 -12.23 18.77 5.67
N VAL F 169 -11.62 18.99 4.51
CA VAL F 169 -10.18 19.26 4.46
C VAL F 169 -9.88 20.70 4.84
N ALA F 170 -10.86 21.59 4.79
CA ALA F 170 -10.70 22.98 5.18
C ALA F 170 -11.77 23.35 6.20
N ARG F 171 -11.37 24.08 7.24
CA ARG F 171 -12.26 24.35 8.36
C ARG F 171 -13.44 25.21 7.96
N ALA F 172 -13.30 26.01 6.89
CA ALA F 172 -14.42 26.84 6.46
C ALA F 172 -15.51 26.05 5.75
N VAL F 173 -15.17 24.90 5.17
CA VAL F 173 -16.14 24.11 4.41
C VAL F 173 -16.90 23.20 5.35
N PRO F 174 -18.24 23.22 5.32
CA PRO F 174 -19.01 22.34 6.20
C PRO F 174 -18.74 20.86 5.91
N HIS F 175 -19.04 20.04 6.90
CA HIS F 175 -18.85 18.59 6.79
C HIS F 175 -19.49 18.06 5.52
N LEU F 176 -18.77 17.16 4.84
CA LEU F 176 -19.26 16.59 3.59
C LEU F 176 -20.56 15.82 3.78
N GLY F 177 -20.79 15.29 4.98
CA GLY F 177 -21.99 14.52 5.24
C GLY F 177 -23.28 15.29 5.02
N TYR F 178 -23.21 16.62 5.17
CA TYR F 178 -24.39 17.44 4.90
C TYR F 178 -24.70 17.49 3.40
N ALA F 179 -23.66 17.49 2.56
CA ALA F 179 -23.89 17.37 1.13
C ALA F 179 -24.35 15.97 0.75
N MET F 180 -23.80 14.96 1.41
CA MET F 180 -24.18 13.58 1.11
C MET F 180 -25.62 13.29 1.55
N ALA F 181 -26.02 13.81 2.72
CA ALA F 181 -27.39 13.59 3.18
C ALA F 181 -28.40 14.28 2.29
N ALA F 182 -28.07 15.46 1.77
CA ALA F 182 -28.97 16.21 0.91
C ALA F 182 -28.88 15.82 -0.56
N GLY F 183 -27.94 14.95 -0.92
CA GLY F 183 -27.72 14.61 -2.32
C GLY F 183 -27.43 15.79 -3.21
N ARG F 184 -26.61 16.72 -2.75
CA ARG F 184 -26.26 17.93 -3.49
C ARG F 184 -24.82 17.79 -3.97
N PHE F 185 -24.66 17.25 -5.19
CA PHE F 185 -23.33 17.06 -5.75
C PHE F 185 -22.62 18.37 -6.05
N GLY F 186 -23.37 19.46 -6.24
CA GLY F 186 -22.73 20.74 -6.46
C GLY F 186 -21.95 21.24 -5.27
N TRP F 187 -22.32 20.80 -4.07
CA TRP F 187 -21.55 21.13 -2.88
C TRP F 187 -20.22 20.40 -2.82
N GLY F 188 -19.99 19.43 -3.72
CA GLY F 188 -18.67 18.81 -3.82
C GLY F 188 -17.60 19.75 -4.33
N LEU F 189 -17.98 20.82 -5.04
CA LEU F 189 -16.99 21.77 -5.54
C LEU F 189 -16.22 22.42 -4.40
N ALA F 190 -16.90 22.78 -3.32
CA ALA F 190 -16.23 23.40 -2.18
C ALA F 190 -15.14 22.49 -1.62
N HIS F 191 -15.39 21.18 -1.59
CA HIS F 191 -14.41 20.24 -1.06
C HIS F 191 -13.28 19.99 -2.05
N ALA F 192 -13.61 19.85 -3.34
CA ALA F 192 -12.58 19.63 -4.34
C ALA F 192 -11.65 20.84 -4.47
N ALA F 193 -12.22 22.04 -4.47
CA ALA F 193 -11.39 23.25 -4.52
C ALA F 193 -10.54 23.39 -3.27
N ALA F 194 -11.10 23.03 -2.10
CA ALA F 194 -10.35 23.13 -0.86
C ALA F 194 -9.24 22.09 -0.80
N ALA F 195 -9.48 20.90 -1.34
CA ALA F 195 -8.44 19.88 -1.36
C ALA F 195 -7.26 20.31 -2.23
N VAL F 196 -7.55 20.98 -3.35
CA VAL F 196 -6.48 21.54 -4.17
C VAL F 196 -5.80 22.68 -3.44
N ALA F 197 -6.59 23.58 -2.83
CA ALA F 197 -6.03 24.73 -2.14
C ALA F 197 -5.15 24.30 -0.97
N MET F 198 -5.56 23.26 -0.24
CA MET F 198 -4.79 22.80 0.91
C MET F 198 -3.56 22.00 0.52
N SER F 199 -3.45 21.57 -0.73
CA SER F 199 -2.30 20.79 -1.15
C SER F 199 -1.06 21.68 -1.24
N ARG F 200 0.08 21.14 -0.82
CA ARG F 200 1.34 21.85 -0.86
C ARG F 200 2.13 21.58 -2.14
N ARG F 201 1.57 20.80 -3.07
CA ARG F 201 2.30 20.36 -4.24
C ARG F 201 2.09 21.25 -5.46
N TYR F 202 1.20 22.22 -5.40
CA TYR F 202 0.95 23.14 -6.49
C TYR F 202 1.26 24.56 -6.03
N ASP F 203 1.76 25.38 -6.94
CA ASP F 203 2.04 26.77 -6.62
C ASP F 203 0.80 27.62 -6.89
N ARG F 204 0.94 28.94 -6.74
CA ARG F 204 -0.21 29.82 -6.84
C ARG F 204 -0.82 29.80 -8.25
N ALA F 205 0.02 29.89 -9.28
CA ALA F 205 -0.49 29.94 -10.64
C ALA F 205 -1.13 28.62 -11.06
N GLN F 206 -0.60 27.50 -10.58
CA GLN F 206 -1.18 26.20 -10.90
C GLN F 206 -2.56 26.04 -10.27
N LYS F 207 -2.72 26.49 -9.02
CA LYS F 207 -4.03 26.42 -8.37
C LYS F 207 -5.05 27.33 -9.05
N GLY F 208 -4.60 28.46 -9.61
CA GLY F 208 -5.51 29.31 -10.35
C GLY F 208 -6.08 28.65 -11.59
N PHE F 209 -5.25 27.87 -12.29
CA PHE F 209 -5.74 27.13 -13.45
C PHE F 209 -6.74 26.07 -13.03
N LEU F 210 -6.48 25.36 -11.94
CA LEU F 210 -7.40 24.33 -11.46
C LEU F 210 -8.71 24.93 -11.00
N LEU F 211 -8.69 26.13 -10.41
CA LEU F 211 -9.92 26.80 -10.03
C LEU F 211 -10.77 27.13 -11.26
N THR F 212 -10.14 27.60 -12.33
CA THR F 212 -10.86 27.88 -13.56
C THR F 212 -11.43 26.60 -14.17
N SER F 213 -10.66 25.50 -14.10
CA SER F 213 -11.15 24.21 -14.55
C SER F 213 -12.40 23.79 -13.77
N LEU F 214 -12.35 23.95 -12.44
CA LEU F 214 -13.49 23.57 -11.61
C LEU F 214 -14.68 24.51 -11.84
N ARG F 215 -14.42 25.79 -12.10
CA ARG F 215 -15.51 26.71 -12.43
C ARG F 215 -16.27 26.26 -13.67
N ARG F 216 -15.53 25.91 -14.73
CA ARG F 216 -16.16 25.48 -15.97
C ARG F 216 -16.95 24.19 -15.78
N ALA F 217 -16.39 23.25 -15.02
CA ALA F 217 -17.04 21.95 -14.84
C ALA F 217 -18.32 22.07 -14.02
N TYR F 218 -18.29 22.84 -12.93
CA TYR F 218 -19.38 22.84 -11.97
C TYR F 218 -20.45 23.88 -12.28
N ALA F 219 -20.18 24.86 -13.15
CA ALA F 219 -21.15 25.91 -13.43
C ALA F 219 -22.46 25.35 -13.99
N PRO F 220 -22.47 24.50 -15.02
CA PRO F 220 -23.77 23.95 -15.47
C PRO F 220 -24.42 23.05 -14.44
N LEU F 221 -23.63 22.30 -13.66
CA LEU F 221 -24.19 21.45 -12.62
C LEU F 221 -24.86 22.29 -11.54
N LEU F 222 -24.19 23.34 -11.07
CA LEU F 222 -24.76 24.19 -10.04
C LEU F 222 -26.01 24.91 -10.52
N ALA F 223 -25.99 25.40 -11.76
CA ALA F 223 -27.17 26.06 -12.32
C ALA F 223 -28.36 25.11 -12.37
N ARG F 224 -28.13 23.88 -12.84
CA ARG F 224 -29.21 22.91 -12.95
C ARG F 224 -29.66 22.41 -11.58
N GLU F 225 -28.74 22.26 -10.63
CA GLU F 225 -29.09 21.73 -9.33
C GLU F 225 -29.79 22.78 -8.46
N ASN F 226 -29.33 24.03 -8.50
CA ASN F 226 -29.97 25.08 -7.70
C ASN F 226 -31.37 25.40 -8.19
N ALA F 227 -31.65 25.18 -9.48
CA ALA F 227 -32.97 25.45 -10.01
C ALA F 227 -33.96 24.37 -9.57
N ALA F 228 -33.55 23.11 -9.59
CA ALA F 228 -34.46 22.01 -9.26
C ALA F 228 -34.81 22.00 -7.79
N LEU F 229 -33.91 22.45 -6.92
CA LEU F 229 -34.09 22.38 -5.47
C LEU F 229 -34.37 23.76 -4.87
N THR F 230 -35.12 24.60 -5.59
CA THR F 230 -35.50 25.92 -5.07
C THR F 230 -36.98 26.19 -5.32
N ARG G 33 -12.85 40.67 2.50
CA ARG G 33 -13.92 40.95 1.54
C ARG G 33 -15.27 40.49 2.07
N ARG G 34 -16.22 40.28 1.17
CA ARG G 34 -17.58 39.93 1.56
C ARG G 34 -18.28 39.31 0.35
N VAL G 35 -19.22 38.40 0.63
CA VAL G 35 -19.98 37.69 -0.39
C VAL G 35 -21.45 37.93 -0.14
N GLU G 36 -22.15 38.40 -1.16
CA GLU G 36 -23.58 38.73 -1.06
C GLU G 36 -24.39 37.64 -1.77
N LEU G 37 -25.14 36.87 -1.00
CA LEU G 37 -26.06 35.90 -1.55
C LEU G 37 -27.34 36.58 -1.99
N ASP G 38 -27.91 36.10 -3.09
CA ASP G 38 -29.14 36.67 -3.63
C ASP G 38 -29.86 35.60 -4.43
N ALA G 39 -31.07 35.93 -4.89
CA ALA G 39 -31.85 34.99 -5.67
C ALA G 39 -31.19 34.67 -7.01
N ASP G 40 -30.31 35.54 -7.50
CA ASP G 40 -29.62 35.27 -8.75
C ASP G 40 -28.70 34.07 -8.64
N ALA G 41 -28.03 33.91 -7.50
CA ALA G 41 -27.18 32.76 -7.26
C ALA G 41 -27.91 31.60 -6.60
N THR G 42 -28.91 31.89 -5.75
CA THR G 42 -29.67 30.83 -5.11
C THR G 42 -30.51 30.06 -6.11
N SER G 43 -31.16 30.77 -7.04
CA SER G 43 -31.91 30.08 -8.09
C SER G 43 -31.00 29.37 -9.08
N GLY G 44 -29.71 29.71 -9.11
CA GLY G 44 -28.77 29.09 -10.02
C GLY G 44 -28.50 29.87 -11.28
N ALA G 45 -29.16 31.01 -11.50
CA ALA G 45 -29.00 31.73 -12.75
C ALA G 45 -27.66 32.42 -12.87
N PHE G 46 -26.98 32.68 -11.75
CA PHE G 46 -25.65 33.29 -11.85
C PHE G 46 -24.64 32.30 -12.40
N TYR G 47 -24.83 31.02 -12.11
CA TYR G 47 -23.96 29.98 -12.60
C TYR G 47 -24.26 29.61 -14.04
N ALA G 48 -25.52 29.75 -14.46
CA ALA G 48 -25.89 29.50 -15.84
C ALA G 48 -25.32 30.55 -16.80
N ARG G 49 -24.97 31.73 -16.28
CA ARG G 49 -24.41 32.80 -17.08
C ARG G 49 -22.89 32.88 -16.97
N TYR G 50 -22.24 31.86 -16.40
CA TYR G 50 -20.80 31.90 -16.22
C TYR G 50 -20.05 31.91 -17.54
N ARG G 51 -19.14 32.87 -17.69
CA ARG G 51 -18.25 32.95 -18.84
C ARG G 51 -16.90 33.45 -18.35
N ASP G 52 -15.82 32.89 -18.90
CA ASP G 52 -14.48 33.36 -18.60
C ASP G 52 -13.80 33.83 -19.88
N GLY G 53 -12.72 34.58 -19.71
CA GLY G 53 -11.95 35.11 -20.81
C GLY G 53 -10.93 34.16 -21.41
N TYR G 54 -10.94 32.89 -21.04
CA TYR G 54 -9.99 31.91 -21.54
C TYR G 54 -10.60 31.11 -22.67
N VAL G 55 -9.72 30.55 -23.51
CA VAL G 55 -10.12 29.77 -24.67
C VAL G 55 -9.52 28.38 -24.53
N SER G 56 -10.38 27.36 -24.63
CA SER G 56 -9.92 25.99 -24.59
C SER G 56 -9.01 25.70 -25.78
N GLY G 57 -7.90 25.01 -25.53
CA GLY G 57 -6.93 24.68 -26.55
C GLY G 57 -5.86 25.72 -26.76
N GLU G 58 -5.92 26.85 -26.07
CA GLU G 58 -4.91 27.89 -26.14
C GLU G 58 -4.12 27.97 -24.84
N PRO G 59 -2.85 28.34 -24.89
CA PRO G 59 -2.01 28.28 -23.68
C PRO G 59 -2.53 29.18 -22.56
N TRP G 60 -2.45 28.67 -21.35
CA TRP G 60 -2.77 29.45 -20.16
C TRP G 60 -1.74 30.57 -19.99
N PRO G 61 -2.16 31.75 -19.50
CA PRO G 61 -1.21 32.86 -19.34
C PRO G 61 0.01 32.49 -18.50
N GLY G 62 1.19 32.59 -19.10
CA GLY G 62 2.43 32.23 -18.45
C GLY G 62 2.84 30.78 -18.63
N ALA G 63 1.99 29.96 -19.24
CA ALA G 63 2.26 28.54 -19.42
C ALA G 63 2.66 28.25 -20.86
N GLY G 64 3.63 27.36 -21.02
CA GLY G 64 4.09 26.96 -22.33
C GLY G 64 4.89 25.68 -22.28
N PRO G 65 5.35 25.22 -23.45
CA PRO G 65 6.16 24.00 -23.50
C PRO G 65 7.50 24.21 -22.81
N PRO G 66 8.15 23.14 -22.35
CA PRO G 66 9.46 23.30 -21.72
C PRO G 66 10.52 23.66 -22.75
N PRO G 67 11.65 24.20 -22.31
CA PRO G 67 12.75 24.50 -23.24
C PRO G 67 13.21 23.25 -23.97
N PRO G 68 13.91 23.41 -25.09
CA PRO G 68 14.35 22.24 -25.85
C PRO G 68 15.31 21.38 -25.02
N GLY G 69 15.09 20.06 -25.07
CA GLY G 69 15.88 19.15 -24.27
C GLY G 69 15.50 19.07 -22.81
N ARG G 70 14.42 19.73 -22.41
CA ARG G 70 13.98 19.75 -21.02
C ARG G 70 12.52 19.36 -20.94
N VAL G 71 12.06 19.05 -19.72
CA VAL G 71 10.68 18.69 -19.48
C VAL G 71 10.15 19.52 -18.32
N LEU G 72 8.84 19.72 -18.30
CA LEU G 72 8.21 20.52 -17.25
C LEU G 72 8.40 19.85 -15.89
N TYR G 73 8.68 20.67 -14.88
CA TYR G 73 9.01 20.14 -13.57
C TYR G 73 8.94 21.28 -12.57
N GLY G 74 8.37 21.02 -11.39
CA GLY G 74 8.31 22.05 -10.38
C GLY G 74 7.17 23.03 -10.60
N GLY G 75 7.40 24.28 -10.20
CA GLY G 75 6.41 25.33 -10.34
C GLY G 75 6.22 25.73 -11.81
N LEU G 76 5.39 26.76 -11.98
CA LEU G 76 5.08 27.26 -13.31
C LEU G 76 6.33 27.78 -14.01
N GLY G 77 6.57 27.30 -15.23
CA GLY G 77 7.69 27.73 -16.03
C GLY G 77 9.01 27.07 -15.72
N ASP G 78 9.11 26.30 -14.64
CA ASP G 78 10.36 25.63 -14.33
C ASP G 78 10.47 24.33 -15.12
N SER G 79 11.69 23.79 -15.18
CA SER G 79 11.95 22.61 -15.97
C SER G 79 13.22 21.94 -15.47
N ARG G 80 13.40 20.69 -15.90
CA ARG G 80 14.59 19.90 -15.63
C ARG G 80 15.06 19.26 -16.93
N PRO G 81 16.34 18.91 -17.02
CA PRO G 81 16.83 18.20 -18.22
C PRO G 81 16.13 16.85 -18.39
N GLY G 82 15.93 16.47 -19.64
CA GLY G 82 15.28 15.20 -19.93
C GLY G 82 16.23 14.02 -19.85
N LEU G 83 15.64 12.85 -19.59
CA LEU G 83 16.36 11.60 -19.46
C LEU G 83 15.97 10.60 -20.54
N TRP G 84 15.69 11.08 -21.76
CA TRP G 84 15.23 10.20 -22.84
C TRP G 84 16.20 9.10 -23.21
N GLY G 85 17.43 9.11 -22.69
CA GLY G 85 18.41 8.11 -23.07
C GLY G 85 18.88 7.24 -21.92
N ALA G 86 18.51 7.62 -20.70
CA ALA G 86 18.92 6.86 -19.53
C ALA G 86 18.26 5.48 -19.49
N PRO G 87 18.94 4.49 -18.93
CA PRO G 87 18.33 3.14 -18.84
C PRO G 87 17.07 3.11 -18.00
N GLU G 88 17.00 3.92 -16.95
CA GLU G 88 15.82 3.93 -16.09
C GLU G 88 14.58 4.37 -16.86
N ALA G 89 14.70 5.43 -17.66
CA ALA G 89 13.56 5.92 -18.43
C ALA G 89 13.10 4.88 -19.43
N GLU G 90 14.04 4.20 -20.09
CA GLU G 90 13.68 3.24 -21.13
C GLU G 90 13.05 1.98 -20.54
N GLU G 91 13.55 1.53 -19.38
CA GLU G 91 12.94 0.37 -18.73
C GLU G 91 11.49 0.65 -18.38
N ALA G 92 11.21 1.83 -17.82
CA ALA G 92 9.84 2.15 -17.44
C ALA G 92 8.96 2.40 -18.65
N ARG G 93 9.53 2.96 -19.73
CA ARG G 93 8.75 3.19 -20.93
C ARG G 93 8.25 1.89 -21.54
N ARG G 94 9.11 0.86 -21.60
CA ARG G 94 8.67 -0.42 -22.12
C ARG G 94 7.58 -1.04 -21.24
N ARG G 95 7.76 -0.99 -19.92
CA ARG G 95 6.72 -1.49 -19.02
C ARG G 95 5.40 -0.75 -19.25
N PHE G 96 5.46 0.56 -19.43
CA PHE G 96 4.27 1.34 -19.72
C PHE G 96 3.66 0.94 -21.06
N GLU G 97 4.50 0.82 -22.09
CA GLU G 97 4.01 0.50 -23.43
C GLU G 97 3.54 -0.94 -23.54
N ALA G 98 3.93 -1.83 -22.62
CA ALA G 98 3.58 -3.23 -22.71
C ALA G 98 2.36 -3.60 -21.85
N SER G 99 1.89 -2.68 -21.00
CA SER G 99 0.81 -2.98 -20.08
C SER G 99 -0.55 -2.54 -20.60
N GLY G 100 -0.60 -1.51 -21.44
CA GLY G 100 -1.87 -0.93 -21.86
C GLY G 100 -2.62 -0.18 -20.78
N ALA G 101 -2.04 -0.04 -19.60
CA ALA G 101 -2.61 0.66 -18.47
C ALA G 101 -1.82 1.92 -18.16
N PRO G 102 -2.41 2.89 -17.46
CA PRO G 102 -1.64 4.08 -17.05
C PRO G 102 -0.54 3.71 -16.08
N ALA G 103 0.62 4.36 -16.24
CA ALA G 103 1.75 4.10 -15.38
C ALA G 103 1.50 4.63 -13.97
N ALA G 104 1.92 3.85 -12.97
CA ALA G 104 1.76 4.27 -11.58
C ALA G 104 2.69 5.44 -11.23
N VAL G 105 3.88 5.45 -11.83
CA VAL G 105 4.82 6.56 -11.70
C VAL G 105 5.13 7.03 -13.11
N TRP G 106 4.70 8.23 -13.45
CA TRP G 106 4.81 8.75 -14.81
C TRP G 106 5.83 9.87 -14.90
N ALA G 107 6.51 9.92 -16.03
CA ALA G 107 7.47 10.95 -16.38
C ALA G 107 7.34 11.26 -17.86
N PRO G 108 7.64 12.48 -18.29
CA PRO G 108 7.50 12.83 -19.71
C PRO G 108 8.30 11.95 -20.65
N GLU G 109 9.41 11.35 -20.17
CA GLU G 109 10.20 10.47 -21.01
C GLU G 109 9.50 9.17 -21.38
N LEU G 110 8.36 8.86 -20.75
CA LEU G 110 7.66 7.61 -21.02
C LEU G 110 6.75 7.69 -22.23
N GLY G 111 6.35 8.89 -22.63
CA GLY G 111 5.45 9.04 -23.77
C GLY G 111 4.74 10.38 -23.72
N ASP G 112 3.70 10.48 -24.53
CA ASP G 112 2.92 11.72 -24.61
C ASP G 112 2.08 11.90 -23.36
N ALA G 113 2.14 13.10 -22.77
CA ALA G 113 1.34 13.39 -21.58
C ALA G 113 -0.15 13.29 -21.87
N ALA G 114 -0.56 13.61 -23.10
CA ALA G 114 -1.98 13.54 -23.44
C ALA G 114 -2.51 12.13 -23.35
N GLN G 115 -1.69 11.13 -23.69
CA GLN G 115 -2.14 9.75 -23.63
C GLN G 115 -2.34 9.31 -22.19
N GLN G 116 -1.41 9.66 -21.30
CA GLN G 116 -1.54 9.32 -19.89
C GLN G 116 -2.73 10.04 -19.26
N TYR G 117 -2.94 11.30 -19.62
CA TYR G 117 -4.12 12.03 -19.15
C TYR G 117 -5.41 11.32 -19.57
N ALA G 118 -5.45 10.86 -20.83
CA ALA G 118 -6.65 10.18 -21.31
C ALA G 118 -6.86 8.85 -20.61
N LEU G 119 -5.76 8.12 -20.33
CA LEU G 119 -5.90 6.84 -19.64
C LEU G 119 -6.39 7.03 -18.21
N ILE G 120 -5.88 8.05 -17.52
CA ILE G 120 -6.32 8.31 -16.15
C ILE G 120 -7.75 8.82 -16.13
N THR G 121 -8.11 9.68 -17.09
CA THR G 121 -9.48 10.18 -17.16
C THR G 121 -10.46 9.05 -17.41
N ARG G 122 -10.13 8.14 -18.33
CA ARG G 122 -11.00 6.99 -18.57
C ARG G 122 -11.06 6.10 -17.33
N LEU G 123 -9.93 5.92 -16.65
CA LEU G 123 -9.91 5.12 -15.43
C LEU G 123 -10.83 5.69 -14.36
N LEU G 124 -10.90 7.03 -14.26
CA LEU G 124 -11.74 7.67 -13.26
C LEU G 124 -13.23 7.46 -13.52
N TYR G 125 -13.60 7.02 -14.72
CA TYR G 125 -15.00 6.75 -15.06
C TYR G 125 -15.27 5.25 -15.17
N THR G 126 -14.30 4.41 -14.84
CA THR G 126 -14.48 2.97 -14.99
C THR G 126 -15.04 2.38 -13.70
N PRO G 127 -16.15 1.66 -13.77
CA PRO G 127 -16.73 1.07 -12.55
C PRO G 127 -15.84 -0.04 -12.00
N ASP G 128 -15.83 -0.15 -10.67
CA ASP G 128 -15.09 -1.19 -9.94
C ASP G 128 -13.59 -1.08 -10.14
N ALA G 129 -13.11 0.08 -10.60
CA ALA G 129 -11.68 0.24 -10.86
C ALA G 129 -10.87 0.59 -9.63
N GLU G 130 -11.52 1.03 -8.54
CA GLU G 130 -10.82 1.47 -7.33
C GLU G 130 -9.83 2.59 -7.65
N ALA G 131 -10.31 3.57 -8.44
CA ALA G 131 -9.43 4.61 -8.96
C ALA G 131 -8.86 5.48 -7.85
N MET G 132 -9.68 5.86 -6.87
CA MET G 132 -9.21 6.72 -5.80
C MET G 132 -8.19 6.00 -4.92
N GLY G 133 -8.42 4.72 -4.63
CA GLY G 133 -7.44 3.96 -3.87
C GLY G 133 -6.13 3.78 -4.61
N TRP G 134 -6.20 3.61 -5.93
CA TRP G 134 -4.99 3.45 -6.72
C TRP G 134 -4.20 4.76 -6.81
N LEU G 135 -4.90 5.89 -6.89
CA LEU G 135 -4.22 7.18 -6.90
C LEU G 135 -3.54 7.46 -5.56
N GLN G 136 -4.13 7.01 -4.45
CA GLN G 136 -3.59 7.30 -3.13
C GLN G 136 -2.46 6.36 -2.75
N ASN G 137 -2.57 5.08 -3.13
CA ASN G 137 -1.63 4.05 -2.68
C ASN G 137 -1.27 3.16 -3.86
N PRO G 138 -0.46 3.69 -4.78
CA PRO G 138 -0.03 2.88 -5.92
C PRO G 138 1.13 1.96 -5.56
N ARG G 139 1.25 0.89 -6.35
CA ARG G 139 2.42 0.03 -6.25
C ARG G 139 3.61 0.71 -6.91
N VAL G 140 4.73 0.76 -6.19
CA VAL G 140 5.93 1.43 -6.68
C VAL G 140 7.02 0.37 -6.68
N VAL G 141 7.39 -0.07 -7.88
CA VAL G 141 8.38 -1.10 -8.11
C VAL G 141 9.79 -0.51 -8.11
N PRO G 142 10.85 -1.33 -8.01
CA PRO G 142 12.20 -0.78 -8.04
C PRO G 142 12.50 0.02 -9.30
N GLY G 143 11.91 -0.36 -10.44
CA GLY G 143 12.11 0.42 -11.65
C GLY G 143 11.50 1.81 -11.54
N ASP G 144 10.36 1.92 -10.85
CA ASP G 144 9.77 3.24 -10.61
C ASP G 144 10.66 4.08 -9.70
N VAL G 145 11.28 3.45 -8.71
CA VAL G 145 12.16 4.18 -7.81
C VAL G 145 13.39 4.68 -8.56
N ALA G 146 13.96 3.84 -9.42
CA ALA G 146 15.13 4.27 -10.19
C ALA G 146 14.79 5.42 -11.12
N LEU G 147 13.61 5.37 -11.74
CA LEU G 147 13.16 6.46 -12.59
C LEU G 147 12.97 7.74 -11.78
N ASP G 148 12.30 7.64 -10.63
CA ASP G 148 12.03 8.82 -9.81
C ASP G 148 13.33 9.42 -9.26
N GLN G 149 14.28 8.56 -8.85
CA GLN G 149 15.55 9.08 -8.36
C GLN G 149 16.37 9.70 -9.48
N ALA G 150 16.28 9.16 -10.69
CA ALA G 150 17.01 9.74 -11.81
C ALA G 150 16.47 11.12 -12.15
N CYS G 151 15.16 11.34 -11.98
CA CYS G 151 14.57 12.63 -12.30
C CYS G 151 15.05 13.71 -11.32
N PHE G 152 15.10 13.39 -10.02
CA PHE G 152 15.54 14.40 -9.06
C PHE G 152 17.04 14.65 -9.11
N ARG G 153 17.83 13.66 -9.47
CA ARG G 153 19.27 13.90 -9.60
C ARG G 153 19.57 14.82 -10.78
N ILE G 154 18.89 14.61 -11.92
CA ILE G 154 19.14 15.43 -13.09
C ILE G 154 18.70 16.88 -12.86
N SER G 155 17.76 17.11 -11.94
CA SER G 155 17.43 18.47 -11.52
C SER G 155 18.47 18.96 -10.52
N GLY G 156 18.10 19.92 -9.68
CA GLY G 156 18.94 20.34 -8.59
C GLY G 156 18.48 19.70 -7.30
N ALA G 157 19.34 19.70 -6.29
CA ALA G 157 19.00 19.04 -5.03
C ALA G 157 18.44 20.09 -4.09
N ALA G 158 17.10 20.21 -4.12
CA ALA G 158 16.38 21.14 -3.27
C ALA G 158 15.90 20.51 -1.97
N ARG G 159 15.54 19.23 -2.00
CA ARG G 159 15.02 18.57 -0.81
C ARG G 159 15.97 18.60 0.37
N ASN G 160 15.45 19.09 1.49
CA ASN G 160 16.06 19.05 2.81
C ASN G 160 14.89 19.00 3.79
N SER G 161 13.70 19.26 3.26
CA SER G 161 12.44 19.26 3.99
C SER G 161 11.42 18.52 3.14
N SER G 162 10.22 18.35 3.68
CA SER G 162 9.14 17.68 2.95
C SER G 162 8.27 18.64 2.14
N SER G 163 8.50 19.94 2.27
CA SER G 163 7.68 20.95 1.59
C SER G 163 8.35 21.34 0.28
N PHE G 164 7.74 20.92 -0.84
CA PHE G 164 8.25 21.28 -2.15
C PHE G 164 7.14 21.15 -3.19
N ILE G 165 7.13 22.09 -4.12
CA ILE G 165 6.15 22.15 -5.20
C ILE G 165 6.56 21.22 -6.34
N THR G 166 5.69 20.27 -6.69
CA THR G 166 5.98 19.33 -7.76
C THR G 166 5.17 19.56 -9.04
N GLY G 167 4.04 20.25 -8.96
CA GLY G 167 3.17 20.40 -10.10
C GLY G 167 2.22 19.25 -10.34
N SER G 168 2.23 18.23 -9.49
CA SER G 168 1.31 17.11 -9.58
C SER G 168 1.25 16.42 -8.22
N VAL G 169 0.04 16.28 -7.68
CA VAL G 169 -0.11 15.70 -6.35
C VAL G 169 0.03 14.18 -6.36
N ALA G 170 -0.12 13.55 -7.52
CA ALA G 170 0.08 12.11 -7.66
C ALA G 170 1.05 11.85 -8.79
N ARG G 171 2.02 10.96 -8.55
CA ARG G 171 3.07 10.72 -9.54
C ARG G 171 2.53 10.11 -10.83
N ALA G 172 1.38 9.46 -10.79
CA ALA G 172 0.81 8.92 -12.02
C ALA G 172 0.26 10.01 -12.93
N VAL G 173 -0.08 11.17 -12.36
CA VAL G 173 -0.68 12.27 -13.11
C VAL G 173 0.43 13.13 -13.71
N PRO G 174 0.41 13.39 -15.02
CA PRO G 174 1.43 14.23 -15.63
C PRO G 174 1.41 15.63 -15.06
N HIS G 175 2.54 16.33 -15.20
CA HIS G 175 2.69 17.69 -14.70
C HIS G 175 1.54 18.57 -15.21
N LEU G 176 1.03 19.41 -14.31
CA LEU G 176 -0.10 20.28 -14.66
C LEU G 176 0.25 21.25 -15.78
N GLY G 177 1.53 21.60 -15.92
CA GLY G 177 1.94 22.54 -16.94
C GLY G 177 1.61 22.08 -18.36
N TYR G 178 1.54 20.77 -18.57
CA TYR G 178 1.15 20.26 -19.88
C TYR G 178 -0.34 20.52 -20.14
N ALA G 179 -1.16 20.44 -19.10
CA ALA G 179 -2.55 20.85 -19.24
C ALA G 179 -2.66 22.36 -19.40
N MET G 180 -1.82 23.11 -18.69
CA MET G 180 -1.85 24.57 -18.78
C MET G 180 -1.34 25.03 -20.14
N ALA G 181 -0.29 24.38 -20.67
CA ALA G 181 0.24 24.77 -21.97
C ALA G 181 -0.75 24.45 -23.09
N ALA G 182 -1.48 23.34 -22.97
CA ALA G 182 -2.43 22.93 -23.99
C ALA G 182 -3.80 23.56 -23.79
N GLY G 183 -4.02 24.30 -22.71
CA GLY G 183 -5.32 24.86 -22.41
C GLY G 183 -6.42 23.82 -22.34
N ARG G 184 -6.15 22.68 -21.71
CA ARG G 184 -7.10 21.58 -21.60
C ARG G 184 -7.61 21.53 -20.16
N PHE G 185 -8.71 22.23 -19.91
CA PHE G 185 -9.28 22.28 -18.57
C PHE G 185 -9.84 20.93 -18.13
N GLY G 186 -10.19 20.05 -19.07
CA GLY G 186 -10.67 18.74 -18.71
C GLY G 186 -9.60 17.90 -18.04
N TRP G 187 -8.33 18.17 -18.32
CA TRP G 187 -7.24 17.49 -17.64
C TRP G 187 -7.10 17.92 -16.18
N GLY G 188 -7.81 18.97 -15.76
CA GLY G 188 -7.84 19.32 -14.35
C GLY G 188 -8.54 18.29 -13.50
N LEU G 189 -9.40 17.47 -14.10
CA LEU G 189 -10.09 16.41 -13.35
C LEU G 189 -9.10 15.44 -12.72
N ALA G 190 -8.07 15.04 -13.48
CA ALA G 190 -7.07 14.13 -12.95
C ALA G 190 -6.39 14.70 -11.71
N HIS G 191 -6.12 16.00 -11.71
CA HIS G 191 -5.47 16.64 -10.57
C HIS G 191 -6.42 16.86 -9.42
N ALA G 192 -7.66 17.29 -9.70
CA ALA G 192 -8.63 17.53 -8.64
C ALA G 192 -8.99 16.24 -7.93
N ALA G 193 -9.22 15.16 -8.68
CA ALA G 193 -9.53 13.87 -8.08
C ALA G 193 -8.36 13.33 -7.28
N ALA G 194 -7.13 13.55 -7.76
CA ALA G 194 -5.96 13.05 -7.07
C ALA G 194 -5.71 13.81 -5.77
N ALA G 195 -5.98 15.12 -5.77
CA ALA G 195 -5.83 15.91 -4.54
C ALA G 195 -6.80 15.42 -3.47
N VAL G 196 -8.02 15.06 -3.86
CA VAL G 196 -8.97 14.48 -2.92
C VAL G 196 -8.48 13.12 -2.45
N ALA G 197 -7.98 12.30 -3.36
CA ALA G 197 -7.54 10.95 -3.00
C ALA G 197 -6.39 10.99 -2.00
N MET G 198 -5.49 11.96 -2.13
CA MET G 198 -4.34 12.05 -1.23
C MET G 198 -4.69 12.70 0.12
N SER G 199 -5.84 13.34 0.23
CA SER G 199 -6.22 14.00 1.49
C SER G 199 -6.44 12.98 2.59
N ARG G 200 -6.02 13.35 3.80
CA ARG G 200 -6.20 12.50 4.98
C ARG G 200 -7.49 12.78 5.74
N ARG G 201 -8.31 13.71 5.28
CA ARG G 201 -9.49 14.15 6.04
C ARG G 201 -10.78 13.46 5.64
N TYR G 202 -10.77 12.63 4.59
CA TYR G 202 -11.96 11.94 4.14
C TYR G 202 -11.75 10.43 4.18
N ASP G 203 -12.82 9.69 4.47
CA ASP G 203 -12.75 8.23 4.45
C ASP G 203 -13.13 7.72 3.06
N ARG G 204 -13.24 6.40 2.92
CA ARG G 204 -13.45 5.79 1.61
C ARG G 204 -14.79 6.21 1.01
N ALA G 205 -15.86 6.18 1.80
CA ALA G 205 -17.17 6.51 1.27
C ALA G 205 -17.29 7.99 0.92
N GLN G 206 -16.62 8.86 1.69
CA GLN G 206 -16.65 10.28 1.37
C GLN G 206 -15.91 10.58 0.08
N LYS G 207 -14.75 9.94 -0.13
CA LYS G 207 -14.03 10.12 -1.39
C LYS G 207 -14.82 9.55 -2.57
N GLY G 208 -15.60 8.50 -2.34
CA GLY G 208 -16.45 7.97 -3.40
C GLY G 208 -17.53 8.94 -3.80
N PHE G 209 -18.11 9.67 -2.84
CA PHE G 209 -19.09 10.69 -3.17
C PHE G 209 -18.46 11.83 -3.97
N LEU G 210 -17.25 12.25 -3.58
CA LEU G 210 -16.57 13.33 -4.29
C LEU G 210 -16.20 12.93 -5.71
N LEU G 211 -15.85 11.65 -5.92
CA LEU G 211 -15.57 11.19 -7.28
C LEU G 211 -16.81 11.27 -8.16
N THR G 212 -17.97 10.88 -7.60
CA THR G 212 -19.21 10.99 -8.37
C THR G 212 -19.56 12.43 -8.65
N SER G 213 -19.30 13.33 -7.70
CA SER G 213 -19.51 14.75 -7.92
C SER G 213 -18.63 15.25 -9.07
N LEU G 214 -17.34 14.88 -9.05
CA LEU G 214 -16.44 15.31 -10.11
C LEU G 214 -16.77 14.66 -11.45
N ARG G 215 -17.25 13.41 -11.42
CA ARG G 215 -17.67 12.75 -12.67
C ARG G 215 -18.79 13.52 -13.33
N ARG G 216 -19.82 13.90 -12.56
CA ARG G 216 -20.96 14.62 -13.13
C ARG G 216 -20.55 15.98 -13.67
N ALA G 217 -19.67 16.68 -12.95
CA ALA G 217 -19.27 18.02 -13.37
C ALA G 217 -18.47 17.98 -14.65
N TYR G 218 -17.53 17.05 -14.76
CA TYR G 218 -16.58 17.03 -15.87
C TYR G 218 -17.07 16.25 -17.08
N ALA G 219 -18.11 15.43 -16.94
CA ALA G 219 -18.58 14.63 -18.07
C ALA G 219 -19.01 15.48 -19.26
N PRO G 220 -19.85 16.50 -19.12
CA PRO G 220 -20.17 17.34 -20.29
C PRO G 220 -18.97 18.14 -20.78
N LEU G 221 -18.09 18.58 -19.88
CA LEU G 221 -16.90 19.32 -20.29
C LEU G 221 -15.97 18.43 -21.10
N LEU G 222 -15.71 17.21 -20.63
CA LEU G 222 -14.82 16.30 -21.36
C LEU G 222 -15.40 15.93 -22.71
N ALA G 223 -16.70 15.68 -22.78
CA ALA G 223 -17.35 15.37 -24.05
C ALA G 223 -17.18 16.52 -25.04
N ARG G 224 -17.41 17.75 -24.58
CA ARG G 224 -17.31 18.91 -25.45
C ARG G 224 -15.85 19.22 -25.80
N GLU G 225 -14.92 18.98 -24.87
CA GLU G 225 -13.52 19.30 -25.13
C GLU G 225 -12.87 18.28 -26.05
N ASN G 226 -13.16 16.99 -25.87
CA ASN G 226 -12.56 15.97 -26.72
C ASN G 226 -13.02 16.09 -28.17
N ALA G 227 -14.20 16.65 -28.40
CA ALA G 227 -14.69 16.81 -29.77
C ALA G 227 -13.96 17.95 -30.48
N ALA G 228 -13.76 19.07 -29.81
CA ALA G 228 -13.12 20.22 -30.46
C ALA G 228 -11.64 19.98 -30.72
N LEU G 229 -10.97 19.23 -29.86
CA LEU G 229 -9.53 19.00 -29.98
C LEU G 229 -9.25 17.56 -30.38
N GLN H 31 11.49 -28.41 29.71
CA GLN H 31 11.69 -27.23 28.87
C GLN H 31 11.96 -25.98 29.70
N PRO H 32 12.90 -25.16 29.24
CA PRO H 32 13.26 -23.94 30.00
C PRO H 32 12.11 -22.95 30.12
N ARG H 33 11.65 -22.41 28.99
CA ARG H 33 10.68 -21.32 28.99
C ARG H 33 9.41 -21.71 28.24
N ARG H 34 8.30 -21.12 28.68
CA ARG H 34 6.99 -21.26 28.07
C ARG H 34 6.03 -20.28 28.74
N VAL H 35 6.02 -19.03 28.27
CA VAL H 35 5.37 -17.92 28.97
C VAL H 35 3.95 -17.74 28.44
N GLU H 36 3.02 -17.44 29.36
CA GLU H 36 1.64 -17.19 28.97
C GLU H 36 1.53 -15.86 28.23
N LEU H 37 0.44 -15.72 27.48
CA LEU H 37 0.20 -14.56 26.63
C LEU H 37 -0.50 -13.48 27.45
N ASP H 38 0.14 -12.31 27.54
CA ASP H 38 -0.40 -11.18 28.29
C ASP H 38 -0.76 -10.04 27.33
N ALA H 39 -1.28 -8.95 27.89
CA ALA H 39 -1.67 -7.80 27.08
C ALA H 39 -0.45 -7.03 26.56
N ASP H 40 0.73 -7.25 27.14
CA ASP H 40 1.94 -6.61 26.64
C ASP H 40 2.29 -7.08 25.23
N ALA H 41 1.84 -8.27 24.84
CA ALA H 41 2.12 -8.80 23.51
C ALA H 41 0.99 -8.52 22.53
N THR H 42 -0.26 -8.77 22.93
CA THR H 42 -1.39 -8.56 22.03
C THR H 42 -1.60 -7.11 21.67
N SER H 43 -1.10 -6.18 22.49
CA SER H 43 -1.18 -4.76 22.14
C SER H 43 -0.05 -4.35 21.22
N GLY H 44 1.08 -5.07 21.26
CA GLY H 44 2.22 -4.80 20.41
C GLY H 44 3.42 -4.21 21.11
N ALA H 45 3.32 -3.90 22.39
CA ALA H 45 4.46 -3.27 23.07
C ALA H 45 5.59 -4.25 23.33
N PHE H 46 5.31 -5.55 23.37
CA PHE H 46 6.38 -6.51 23.57
C PHE H 46 7.27 -6.62 22.33
N TYR H 47 6.68 -6.45 21.15
CA TYR H 47 7.43 -6.49 19.90
C TYR H 47 8.15 -5.17 19.63
N ALA H 48 7.57 -4.06 20.08
CA ALA H 48 8.22 -2.76 19.92
C ALA H 48 9.50 -2.66 20.75
N ARG H 49 9.62 -3.49 21.79
CA ARG H 49 10.81 -3.52 22.62
C ARG H 49 11.76 -4.65 22.25
N TYR H 50 11.54 -5.33 21.12
CA TYR H 50 12.43 -6.43 20.78
C TYR H 50 13.82 -5.89 20.51
N ARG H 51 14.80 -6.47 21.19
CA ARG H 51 16.20 -6.14 20.98
C ARG H 51 16.99 -7.43 21.17
N ASP H 52 18.02 -7.64 20.36
CA ASP H 52 18.85 -8.82 20.49
C ASP H 52 20.30 -8.43 20.79
N GLY H 53 21.09 -9.42 21.18
CA GLY H 53 22.48 -9.25 21.49
C GLY H 53 23.43 -9.40 20.32
N TYR H 54 22.92 -9.47 19.10
CA TYR H 54 23.74 -9.60 17.91
C TYR H 54 23.91 -8.25 17.23
N VAL H 55 24.99 -8.14 16.46
CA VAL H 55 25.36 -6.90 15.77
C VAL H 55 25.40 -7.18 14.28
N SER H 56 24.67 -6.37 13.51
CA SER H 56 24.70 -6.51 12.05
C SER H 56 26.11 -6.22 11.52
N GLY H 57 26.54 -7.06 10.59
CA GLY H 57 27.86 -6.95 9.99
C GLY H 57 28.97 -7.69 10.72
N GLU H 58 28.67 -8.30 11.85
CA GLU H 58 29.65 -9.09 12.58
C GLU H 58 29.29 -10.57 12.52
N PRO H 59 30.28 -11.46 12.54
CA PRO H 59 30.01 -12.89 12.32
C PRO H 59 29.07 -13.47 13.36
N TRP H 60 28.18 -14.34 12.88
CA TRP H 60 27.30 -15.09 13.77
C TRP H 60 28.13 -16.08 14.58
N PRO H 61 27.76 -16.33 15.85
CA PRO H 61 28.52 -17.27 16.68
C PRO H 61 28.69 -18.64 16.03
N GLY H 62 29.96 -19.04 15.81
CA GLY H 62 30.26 -20.29 15.16
C GLY H 62 30.41 -20.23 13.66
N ALA H 63 30.15 -19.07 13.05
CA ALA H 63 30.21 -18.92 11.61
C ALA H 63 31.50 -18.22 11.20
N GLY H 64 32.10 -18.69 10.12
CA GLY H 64 33.33 -18.12 9.61
C GLY H 64 33.63 -18.54 8.19
N PRO H 65 34.75 -18.06 7.65
CA PRO H 65 35.13 -18.44 6.29
C PRO H 65 35.47 -19.91 6.18
N PRO H 66 35.40 -20.50 4.99
CA PRO H 66 35.72 -21.91 4.82
C PRO H 66 37.21 -22.17 4.97
N PRO H 67 37.61 -23.42 5.15
CA PRO H 67 39.05 -23.76 5.19
C PRO H 67 39.77 -23.29 3.94
N PRO H 68 41.10 -23.24 3.96
CA PRO H 68 41.84 -22.63 2.84
C PRO H 68 41.54 -23.24 1.47
N GLY H 69 41.48 -24.56 1.37
CA GLY H 69 41.26 -25.23 0.10
C GLY H 69 39.83 -25.63 -0.19
N ARG H 70 38.87 -25.22 0.64
CA ARG H 70 37.50 -25.66 0.51
C ARG H 70 36.56 -24.45 0.49
N VAL H 71 35.29 -24.72 0.14
CA VAL H 71 34.24 -23.71 0.09
C VAL H 71 33.07 -24.21 0.92
N LEU H 72 32.27 -23.26 1.41
CA LEU H 72 31.17 -23.60 2.30
C LEU H 72 30.14 -24.51 1.61
N TYR H 73 29.68 -25.51 2.35
CA TYR H 73 28.75 -26.53 1.87
C TYR H 73 28.25 -27.33 3.05
N GLY H 74 26.96 -27.65 3.03
CA GLY H 74 26.40 -28.47 4.10
C GLY H 74 26.05 -27.67 5.34
N GLY H 75 26.15 -28.33 6.49
CA GLY H 75 25.83 -27.72 7.76
C GLY H 75 26.83 -26.66 8.16
N LEU H 76 26.63 -26.14 9.38
CA LEU H 76 27.51 -25.09 9.90
C LEU H 76 28.93 -25.60 10.04
N GLY H 77 29.88 -24.86 9.46
CA GLY H 77 31.27 -25.21 9.52
C GLY H 77 31.74 -26.25 8.53
N ASP H 78 30.83 -26.90 7.82
CA ASP H 78 31.24 -27.92 6.86
C ASP H 78 31.63 -27.26 5.53
N SER H 79 32.31 -28.03 4.68
CA SER H 79 32.83 -27.50 3.44
C SER H 79 33.10 -28.64 2.47
N ARG H 80 33.32 -28.27 1.21
CA ARG H 80 33.69 -29.18 0.13
C ARG H 80 34.88 -28.59 -0.60
N PRO H 81 35.68 -29.43 -1.28
CA PRO H 81 36.79 -28.90 -2.06
C PRO H 81 36.32 -27.99 -3.19
N GLY H 82 37.09 -26.96 -3.47
CA GLY H 82 36.74 -26.04 -4.54
C GLY H 82 37.18 -26.53 -5.91
N LEU H 83 36.47 -26.06 -6.93
CA LEU H 83 36.74 -26.36 -8.33
C LEU H 83 37.11 -25.08 -9.10
N TRP H 84 37.89 -24.20 -8.47
CA TRP H 84 38.23 -22.92 -9.07
C TRP H 84 38.90 -23.06 -10.44
N GLY H 85 39.51 -24.21 -10.73
CA GLY H 85 40.20 -24.41 -11.99
C GLY H 85 39.42 -25.24 -12.98
N ALA H 86 38.30 -25.81 -12.54
CA ALA H 86 37.49 -26.66 -13.41
C ALA H 86 36.84 -25.85 -14.53
N PRO H 87 36.65 -26.46 -15.70
CA PRO H 87 36.00 -25.75 -16.81
C PRO H 87 34.56 -25.36 -16.52
N GLU H 88 33.82 -26.17 -15.76
CA GLU H 88 32.42 -25.85 -15.48
C GLU H 88 32.32 -24.57 -14.66
N ALA H 89 33.16 -24.43 -13.64
CA ALA H 89 33.16 -23.20 -12.84
C ALA H 89 33.57 -22.01 -13.67
N GLU H 90 34.56 -22.20 -14.56
CA GLU H 90 35.09 -21.08 -15.34
C GLU H 90 34.09 -20.63 -16.40
N GLU H 91 33.40 -21.58 -17.03
CA GLU H 91 32.38 -21.23 -18.02
C GLU H 91 31.21 -20.48 -17.40
N ALA H 92 30.71 -20.96 -16.25
CA ALA H 92 29.53 -20.34 -15.64
C ALA H 92 29.83 -18.96 -15.08
N ARG H 93 31.06 -18.75 -14.59
CA ARG H 93 31.47 -17.43 -14.07
C ARG H 93 31.40 -16.38 -15.16
N ARG H 94 31.84 -16.72 -16.38
CA ARG H 94 31.81 -15.75 -17.47
C ARG H 94 30.37 -15.34 -17.78
N ARG H 95 29.47 -16.32 -17.82
CA ARG H 95 28.05 -16.03 -18.00
C ARG H 95 27.52 -15.16 -16.85
N PHE H 96 27.93 -15.46 -15.62
CA PHE H 96 27.46 -14.69 -14.47
C PHE H 96 27.93 -13.24 -14.54
N GLU H 97 29.21 -13.02 -14.84
CA GLU H 97 29.75 -11.66 -14.85
C GLU H 97 29.24 -10.82 -16.02
N ALA H 98 28.73 -11.46 -17.08
CA ALA H 98 28.29 -10.76 -18.27
C ALA H 98 26.78 -10.58 -18.37
N SER H 99 26.00 -11.20 -17.49
CA SER H 99 24.55 -11.19 -17.66
C SER H 99 23.85 -10.08 -16.88
N GLY H 100 24.38 -9.66 -15.74
CA GLY H 100 23.68 -8.73 -14.90
C GLY H 100 22.44 -9.28 -14.22
N ALA H 101 22.14 -10.56 -14.40
CA ALA H 101 21.01 -11.24 -13.80
C ALA H 101 21.51 -12.28 -12.80
N PRO H 102 20.66 -12.68 -11.84
CA PRO H 102 21.08 -13.73 -10.91
C PRO H 102 21.27 -15.07 -11.61
N ALA H 103 22.32 -15.79 -11.21
CA ALA H 103 22.57 -17.10 -11.78
C ALA H 103 21.55 -18.10 -11.25
N ALA H 104 21.07 -18.97 -12.15
CA ALA H 104 20.10 -19.97 -11.75
C ALA H 104 20.71 -21.04 -10.86
N VAL H 105 21.98 -21.37 -11.10
CA VAL H 105 22.75 -22.28 -10.25
C VAL H 105 24.00 -21.53 -9.81
N TRP H 106 24.10 -21.26 -8.52
CA TRP H 106 25.20 -20.48 -7.99
C TRP H 106 26.11 -21.37 -7.15
N ALA H 107 27.39 -21.07 -7.20
CA ALA H 107 28.40 -21.75 -6.41
C ALA H 107 29.42 -20.74 -5.94
N PRO H 108 30.07 -20.96 -4.80
CA PRO H 108 31.05 -19.96 -4.32
C PRO H 108 32.14 -19.66 -5.33
N GLU H 109 32.48 -20.63 -6.18
CA GLU H 109 33.45 -20.40 -7.25
C GLU H 109 32.92 -19.44 -8.31
N LEU H 110 31.63 -19.10 -8.30
CA LEU H 110 31.10 -18.22 -9.33
C LEU H 110 31.27 -16.73 -9.02
N GLY H 111 31.51 -16.34 -7.79
CA GLY H 111 31.73 -14.93 -7.52
C GLY H 111 31.45 -14.58 -6.07
N ASP H 112 31.34 -13.27 -5.82
CA ASP H 112 31.04 -12.79 -4.48
C ASP H 112 29.57 -13.07 -4.13
N ALA H 113 29.35 -13.66 -2.95
CA ALA H 113 27.98 -13.98 -2.56
C ALA H 113 27.12 -12.73 -2.45
N ALA H 114 27.72 -11.59 -2.11
CA ALA H 114 26.95 -10.36 -1.97
C ALA H 114 26.28 -9.95 -3.27
N GLN H 115 26.92 -10.20 -4.41
CA GLN H 115 26.31 -9.85 -5.69
C GLN H 115 25.09 -10.73 -5.99
N GLN H 116 25.22 -12.04 -5.77
CA GLN H 116 24.09 -12.93 -6.01
C GLN H 116 22.96 -12.67 -5.02
N TYR H 117 23.29 -12.44 -3.76
CA TYR H 117 22.28 -12.07 -2.77
C TYR H 117 21.54 -10.80 -3.18
N ALA H 118 22.28 -9.79 -3.64
CA ALA H 118 21.66 -8.53 -4.03
C ALA H 118 20.80 -8.72 -5.28
N LEU H 119 21.25 -9.53 -6.24
CA LEU H 119 20.47 -9.75 -7.45
C LEU H 119 19.19 -10.53 -7.14
N ILE H 120 19.27 -11.54 -6.27
CA ILE H 120 18.08 -12.30 -5.92
C ILE H 120 17.11 -11.45 -5.12
N THR H 121 17.62 -10.62 -4.21
CA THR H 121 16.76 -9.76 -3.41
C THR H 121 16.00 -8.78 -4.30
N ARG H 122 16.68 -8.17 -5.28
CA ARG H 122 16.00 -7.28 -6.22
C ARG H 122 14.96 -8.04 -7.04
N LEU H 123 15.29 -9.27 -7.44
CA LEU H 123 14.34 -10.08 -8.19
C LEU H 123 13.07 -10.35 -7.38
N LEU H 124 13.22 -10.54 -6.07
CA LEU H 124 12.07 -10.80 -5.20
C LEU H 124 11.15 -9.58 -5.06
N TYR H 125 11.61 -8.39 -5.44
CA TYR H 125 10.81 -7.18 -5.40
C TYR H 125 10.39 -6.70 -6.78
N THR H 126 10.71 -7.45 -7.84
CA THR H 126 10.46 -7.07 -9.23
C THR H 126 9.09 -7.56 -9.68
N PRO H 127 8.25 -6.70 -10.22
CA PRO H 127 6.91 -7.14 -10.66
C PRO H 127 6.98 -8.04 -11.87
N ASP H 128 6.03 -9.00 -11.91
CA ASP H 128 5.86 -9.90 -13.04
C ASP H 128 7.08 -10.78 -13.27
N ALA H 129 7.96 -10.89 -12.27
CA ALA H 129 9.19 -11.66 -12.42
C ALA H 129 8.99 -13.15 -12.20
N GLU H 130 7.86 -13.56 -11.60
CA GLU H 130 7.60 -14.96 -11.28
C GLU H 130 8.70 -15.49 -10.37
N ALA H 131 9.03 -14.70 -9.33
CA ALA H 131 10.19 -15.01 -8.49
C ALA H 131 10.03 -16.33 -7.75
N MET H 132 8.84 -16.56 -7.20
CA MET H 132 8.63 -17.81 -6.47
C MET H 132 8.69 -19.01 -7.40
N GLY H 133 8.13 -18.87 -8.61
CA GLY H 133 8.25 -19.93 -9.59
C GLY H 133 9.68 -20.13 -10.08
N TRP H 134 10.43 -19.02 -10.20
CA TRP H 134 11.82 -19.12 -10.65
C TRP H 134 12.69 -19.78 -9.59
N LEU H 135 12.42 -19.50 -8.31
CA LEU H 135 13.19 -20.14 -7.24
C LEU H 135 12.96 -21.64 -7.23
N GLN H 136 11.75 -22.09 -7.54
CA GLN H 136 11.43 -23.51 -7.47
C GLN H 136 11.83 -24.27 -8.73
N ASN H 137 11.62 -23.68 -9.92
CA ASN H 137 11.90 -24.37 -11.18
C ASN H 137 12.42 -23.36 -12.20
N PRO H 138 13.68 -22.96 -12.08
CA PRO H 138 14.24 -21.97 -13.00
C PRO H 138 14.67 -22.56 -14.34
N ARG H 139 14.80 -21.67 -15.32
CA ARG H 139 15.39 -22.05 -16.59
C ARG H 139 16.89 -22.23 -16.41
N VAL H 140 17.41 -23.38 -16.85
CA VAL H 140 18.79 -23.76 -16.61
C VAL H 140 19.43 -24.09 -17.96
N VAL H 141 20.49 -23.36 -18.30
CA VAL H 141 21.25 -23.61 -19.53
C VAL H 141 22.16 -24.80 -19.25
N PRO H 142 22.72 -25.44 -20.28
CA PRO H 142 23.58 -26.62 -20.03
C PRO H 142 24.77 -26.33 -19.12
N GLY H 143 25.31 -25.12 -19.14
CA GLY H 143 26.40 -24.80 -18.25
C GLY H 143 26.03 -24.86 -16.78
N ASP H 144 24.79 -24.48 -16.46
CA ASP H 144 24.31 -24.57 -15.08
C ASP H 144 24.22 -26.02 -14.62
N VAL H 145 23.76 -26.91 -15.50
CA VAL H 145 23.65 -28.33 -15.14
C VAL H 145 25.03 -28.94 -14.91
N ALA H 146 25.99 -28.60 -15.77
CA ALA H 146 27.34 -29.13 -15.60
C ALA H 146 27.97 -28.62 -14.32
N LEU H 147 27.72 -27.35 -13.98
CA LEU H 147 28.23 -26.79 -12.74
C LEU H 147 27.67 -27.52 -11.53
N ASP H 148 26.35 -27.77 -11.52
CA ASP H 148 25.73 -28.45 -10.39
C ASP H 148 26.27 -29.88 -10.26
N GLN H 149 26.47 -30.57 -11.38
CA GLN H 149 27.02 -31.92 -11.33
C GLN H 149 28.48 -31.93 -10.88
N ALA H 150 29.25 -30.90 -11.26
CA ALA H 150 30.64 -30.84 -10.83
C ALA H 150 30.73 -30.62 -9.33
N CYS H 151 29.81 -29.83 -8.77
CA CYS H 151 29.78 -29.60 -7.33
C CYS H 151 29.35 -30.86 -6.59
N PHE H 152 28.36 -31.57 -7.14
CA PHE H 152 27.80 -32.72 -6.46
C PHE H 152 28.76 -33.90 -6.46
N ARG H 153 29.59 -34.04 -7.49
CA ARG H 153 30.60 -35.10 -7.50
C ARG H 153 31.73 -34.80 -6.53
N ILE H 154 32.23 -33.57 -6.54
CA ILE H 154 33.38 -33.22 -5.70
C ILE H 154 33.01 -33.22 -4.22
N SER H 155 31.72 -33.08 -3.90
CA SER H 155 31.28 -33.21 -2.50
C SER H 155 31.25 -34.68 -2.11
N GLY H 156 30.33 -35.43 -2.69
CA GLY H 156 30.25 -36.87 -2.49
C GLY H 156 28.95 -37.29 -1.84
N ALA H 157 27.84 -36.79 -2.37
CA ALA H 157 26.51 -37.08 -1.84
C ALA H 157 25.81 -38.16 -2.66
N ALA H 158 26.50 -39.27 -2.95
CA ALA H 158 25.87 -40.31 -3.77
C ALA H 158 25.06 -41.27 -2.92
N ARG H 159 25.52 -41.61 -1.72
CA ARG H 159 24.80 -42.50 -0.82
C ARG H 159 24.23 -41.72 0.36
N ASN H 160 23.70 -40.53 0.10
CA ASN H 160 23.01 -39.76 1.12
C ASN H 160 21.51 -39.71 0.84
N SER H 163 17.00 -36.39 1.11
CA SER H 163 17.11 -35.20 1.95
C SER H 163 18.40 -35.20 2.75
N PHE H 164 19.17 -34.12 2.60
CA PHE H 164 20.43 -33.95 3.33
C PHE H 164 20.67 -32.45 3.46
N ILE H 165 21.40 -32.08 4.53
CA ILE H 165 21.62 -30.67 4.83
C ILE H 165 22.60 -30.09 3.83
N THR H 166 22.15 -29.07 3.08
CA THR H 166 22.96 -28.39 2.08
C THR H 166 23.34 -26.98 2.45
N GLY H 167 22.61 -26.35 3.38
CA GLY H 167 22.81 -24.96 3.70
C GLY H 167 22.11 -23.98 2.79
N SER H 168 21.33 -24.46 1.82
CA SER H 168 20.55 -23.60 0.95
C SER H 168 19.44 -24.43 0.33
N VAL H 169 18.20 -23.98 0.48
CA VAL H 169 17.07 -24.74 -0.04
C VAL H 169 16.91 -24.55 -1.55
N ALA H 170 17.49 -23.50 -2.12
CA ALA H 170 17.46 -23.28 -3.56
C ALA H 170 18.88 -23.07 -4.08
N ARG H 171 19.19 -23.72 -5.22
CA ARG H 171 20.54 -23.69 -5.74
C ARG H 171 20.99 -22.30 -6.16
N ALA H 172 20.05 -21.42 -6.49
CA ALA H 172 20.41 -20.06 -6.87
C ALA H 172 20.84 -19.23 -5.68
N VAL H 173 20.39 -19.58 -4.48
CA VAL H 173 20.69 -18.80 -3.28
C VAL H 173 22.02 -19.27 -2.71
N PRO H 174 22.98 -18.37 -2.46
CA PRO H 174 24.26 -18.79 -1.90
C PRO H 174 24.10 -19.45 -0.53
N HIS H 175 25.10 -20.24 -0.17
CA HIS H 175 25.10 -20.93 1.12
C HIS H 175 24.84 -19.94 2.25
N LEU H 176 23.99 -20.35 3.20
CA LEU H 176 23.62 -19.47 4.30
C LEU H 176 24.83 -19.05 5.13
N GLY H 177 25.87 -19.89 5.16
CA GLY H 177 27.05 -19.57 5.94
C GLY H 177 27.71 -18.27 5.54
N TYR H 178 27.54 -17.86 4.28
CA TYR H 178 28.07 -16.56 3.85
C TYR H 178 27.28 -15.42 4.46
N ALA H 179 25.96 -15.58 4.63
CA ALA H 179 25.19 -14.59 5.36
C ALA H 179 25.53 -14.61 6.84
N MET H 180 25.76 -15.81 7.40
CA MET H 180 26.09 -15.91 8.81
C MET H 180 27.48 -15.36 9.11
N ALA H 181 28.44 -15.59 8.21
CA ALA H 181 29.80 -15.08 8.43
C ALA H 181 29.84 -13.56 8.32
N ALA H 182 29.04 -12.99 7.42
CA ALA H 182 29.02 -11.55 7.22
C ALA H 182 28.05 -10.83 8.16
N GLY H 183 27.29 -11.57 8.96
CA GLY H 183 26.27 -10.95 9.80
C GLY H 183 25.25 -10.16 9.03
N ARG H 184 24.76 -10.70 7.91
CA ARG H 184 23.78 -10.03 7.05
C ARG H 184 22.43 -10.71 7.24
N PHE H 185 21.65 -10.21 8.21
CA PHE H 185 20.33 -10.78 8.44
C PHE H 185 19.37 -10.51 7.29
N GLY H 186 19.61 -9.45 6.51
CA GLY H 186 18.77 -9.17 5.36
C GLY H 186 18.87 -10.23 4.28
N TRP H 187 20.00 -10.93 4.21
CA TRP H 187 20.16 -12.03 3.28
C TRP H 187 19.32 -13.25 3.67
N GLY H 188 18.74 -13.25 4.87
CA GLY H 188 17.81 -14.31 5.25
C GLY H 188 16.52 -14.30 4.46
N LEU H 189 16.16 -13.15 3.87
CA LEU H 189 14.95 -13.07 3.06
C LEU H 189 15.00 -14.04 1.89
N ALA H 190 16.15 -14.12 1.22
CA ALA H 190 16.29 -15.04 0.09
C ALA H 190 16.05 -16.48 0.53
N HIS H 191 16.51 -16.84 1.72
CA HIS H 191 16.35 -18.21 2.21
C HIS H 191 14.92 -18.47 2.69
N ALA H 192 14.32 -17.50 3.39
CA ALA H 192 12.95 -17.67 3.86
C ALA H 192 11.97 -17.76 2.69
N ALA H 193 12.14 -16.90 1.68
CA ALA H 193 11.28 -16.94 0.51
C ALA H 193 11.47 -18.24 -0.27
N ALA H 194 12.71 -18.72 -0.37
CA ALA H 194 12.97 -19.94 -1.13
C ALA H 194 12.41 -21.17 -0.42
N ALA H 195 12.46 -21.19 0.92
CA ALA H 195 11.88 -22.29 1.66
C ALA H 195 10.37 -22.35 1.47
N VAL H 196 9.72 -21.18 1.41
CA VAL H 196 8.28 -21.14 1.13
C VAL H 196 8.00 -21.62 -0.29
N ALA H 197 8.80 -21.16 -1.26
CA ALA H 197 8.58 -21.54 -2.66
C ALA H 197 8.71 -23.05 -2.86
N MET H 198 9.61 -23.69 -2.12
CA MET H 198 9.83 -25.13 -2.29
CA MET H 198 9.83 -25.13 -2.28
C MET H 198 8.80 -25.97 -1.54
N SER H 199 8.07 -25.39 -0.59
CA SER H 199 7.09 -26.13 0.19
C SER H 199 5.96 -26.65 -0.69
N ARG H 200 5.47 -27.85 -0.37
CA ARG H 200 4.37 -28.47 -1.08
C ARG H 200 3.01 -28.19 -0.45
N ARG H 201 2.94 -27.43 0.63
CA ARG H 201 1.70 -27.24 1.35
C ARG H 201 0.94 -25.97 0.95
N TYR H 202 1.52 -25.12 0.12
CA TYR H 202 0.86 -23.89 -0.30
C TYR H 202 0.67 -23.87 -1.82
N ASP H 203 -0.42 -23.27 -2.26
CA ASP H 203 -0.65 -23.10 -3.69
C ASP H 203 -0.02 -21.79 -4.14
N ARG H 204 -0.24 -21.44 -5.41
CA ARG H 204 0.46 -20.28 -5.97
C ARG H 204 0.03 -18.98 -5.29
N ALA H 205 -1.28 -18.80 -5.06
CA ALA H 205 -1.76 -17.57 -4.45
C ALA H 205 -1.33 -17.46 -3.00
N GLN H 206 -1.26 -18.58 -2.28
CA GLN H 206 -0.78 -18.54 -0.91
C GLN H 206 0.69 -18.16 -0.84
N LYS H 207 1.51 -18.73 -1.75
CA LYS H 207 2.91 -18.35 -1.80
C LYS H 207 3.08 -16.89 -2.21
N GLY H 208 2.19 -16.38 -3.04
CA GLY H 208 2.24 -14.97 -3.39
C GLY H 208 1.94 -14.06 -2.21
N PHE H 209 0.99 -14.47 -1.36
CA PHE H 209 0.70 -13.69 -0.16
C PHE H 209 1.88 -13.70 0.80
N LEU H 210 2.52 -14.86 0.98
CA LEU H 210 3.67 -14.93 1.89
C LEU H 210 4.84 -14.10 1.38
N LEU H 211 5.03 -14.03 0.06
CA LEU H 211 6.08 -13.16 -0.47
C LEU H 211 5.76 -11.70 -0.19
N THR H 212 4.49 -11.31 -0.33
CA THR H 212 4.11 -9.93 -0.01
C THR H 212 4.35 -9.64 1.47
N SER H 213 4.07 -10.61 2.34
CA SER H 213 4.37 -10.46 3.76
C SER H 213 5.87 -10.27 4.00
N LEU H 214 6.70 -11.09 3.35
CA LEU H 214 8.14 -10.99 3.53
C LEU H 214 8.69 -9.69 2.95
N ARG H 215 8.11 -9.21 1.84
CA ARG H 215 8.52 -7.94 1.27
C ARG H 215 8.33 -6.81 2.28
N ARG H 216 7.17 -6.76 2.93
CA ARG H 216 6.89 -5.72 3.91
C ARG H 216 7.83 -5.82 5.10
N ALA H 217 8.09 -7.04 5.57
CA ALA H 217 8.90 -7.22 6.77
C ALA H 217 10.36 -6.82 6.53
N TYR H 218 10.94 -7.22 5.41
CA TYR H 218 12.38 -7.07 5.20
C TYR H 218 12.78 -5.74 4.57
N ALA H 219 11.85 -5.00 3.96
CA ALA H 219 12.22 -3.76 3.29
C ALA H 219 12.87 -2.75 4.22
N PRO H 220 12.31 -2.41 5.39
CA PRO H 220 13.02 -1.50 6.29
C PRO H 220 14.31 -2.09 6.85
N LEU H 221 14.35 -3.40 7.10
CA LEU H 221 15.58 -4.03 7.57
C LEU H 221 16.68 -3.92 6.54
N LEU H 222 16.36 -4.19 5.27
CA LEU H 222 17.35 -4.09 4.21
C LEU H 222 17.86 -2.66 4.05
N ALA H 223 16.95 -1.69 4.17
CA ALA H 223 17.33 -0.29 4.05
C ALA H 223 18.34 0.10 5.12
N ARG H 224 18.09 -0.30 6.37
CA ARG H 224 19.01 0.07 7.44
C ARG H 224 20.33 -0.70 7.34
N GLU H 225 20.28 -1.95 6.88
CA GLU H 225 21.49 -2.75 6.80
C GLU H 225 22.35 -2.30 5.61
N ASN H 226 21.72 -1.96 4.49
CA ASN H 226 22.47 -1.50 3.33
C ASN H 226 23.13 -0.15 3.60
N ALA H 227 22.55 0.67 4.47
CA ALA H 227 23.15 1.95 4.81
C ALA H 227 24.33 1.79 5.75
N ALA H 228 24.18 0.95 6.79
CA ALA H 228 25.24 0.78 7.76
C ALA H 228 26.41 -0.01 7.19
N LEU H 229 26.14 -0.94 6.28
CA LEU H 229 27.18 -1.81 5.74
C LEU H 229 27.48 -1.47 4.28
N PHE I 1 1.34 50.00 6.69
CA PHE I 1 0.40 49.17 5.95
C PHE I 1 -0.89 48.96 6.74
N THR I 2 -2.03 49.07 6.04
CA THR I 2 -3.33 48.90 6.66
C THR I 2 -4.15 47.86 5.91
#